data_4MQJ
#
_entry.id   4MQJ
#
_cell.length_a   105.651
_cell.length_b   52.427
_cell.length_c   106.153
_cell.angle_alpha   90.00
_cell.angle_beta   113.84
_cell.angle_gamma   90.00
#
_symmetry.space_group_name_H-M   'P 1 21 1'
#
loop_
_entity.id
_entity.type
_entity.pdbx_description
1 polymer 'Hemoglobin subunit alpha'
2 polymer 'Hemoglobin subunit gamma-2'
3 non-polymer 'PROTOPORPHYRIN IX CONTAINING FE'
4 non-polymer 'CARBON MONOXIDE'
5 non-polymer 'OXYGEN MOLECULE'
6 water water
#
loop_
_entity_poly.entity_id
_entity_poly.type
_entity_poly.pdbx_seq_one_letter_code
_entity_poly.pdbx_strand_id
1 'polypeptide(L)'
;VLSPADKTNVKAAWGKVGAHAGEYGAEALERMFLSFPTTKTYFPHFDLSHGSAQVKGHGKKVADALTNAVAHVDDMPNAL
SALSDLHAHKLRVDPVNFKLLSHCLLVTLAAHLPAEFTPAVHASLDKFLASVSTVLTSKYR
;
A,G,C,E
2 'polypeptide(L)'
;VHFTEEDKATITSLWGKVNVEDAGGETLGRLLVVYPWTQRFFDSFGNLSSASAIMGNPKVKAHGKKVLTSLGDAIKHLDD
LKGTFAQLSELHCDKLHVDPENFKLLGNVLVTVLAIHFGKEFTPEVQASWQKMVTGVASALSSRYH
;
B,H,D,F
#
# COMPACT_ATOMS: atom_id res chain seq x y z
N VAL A 1 27.42 -11.62 2.56
CA VAL A 1 26.36 -10.94 3.33
C VAL A 1 25.73 -9.80 2.57
N LEU A 2 24.40 -9.79 2.56
CA LEU A 2 23.63 -8.91 1.70
C LEU A 2 23.94 -9.15 0.22
N SER A 3 22.95 -9.70 -0.48
CA SER A 3 23.01 -9.85 -1.91
C SER A 3 22.93 -8.46 -2.53
N PRO A 4 23.23 -8.35 -3.84
CA PRO A 4 23.04 -7.08 -4.53
C PRO A 4 21.60 -6.54 -4.44
N ALA A 5 20.61 -7.41 -4.51
CA ALA A 5 19.22 -6.97 -4.35
C ALA A 5 18.97 -6.46 -2.94
N ASP A 6 19.55 -7.13 -1.95
CA ASP A 6 19.46 -6.68 -0.56
C ASP A 6 20.03 -5.27 -0.42
N LYS A 7 21.18 -5.03 -1.04
CA LYS A 7 21.84 -3.73 -0.94
C LYS A 7 20.95 -2.66 -1.54
N THR A 8 20.40 -2.96 -2.70
CA THR A 8 19.51 -2.04 -3.39
C THR A 8 18.30 -1.71 -2.52
N ASN A 9 17.66 -2.75 -1.99
CA ASN A 9 16.49 -2.56 -1.14
C ASN A 9 16.79 -1.77 0.13
N VAL A 10 17.90 -2.08 0.78
CA VAL A 10 18.24 -1.40 2.02
C VAL A 10 18.55 0.07 1.75
N LYS A 11 19.30 0.34 0.69
CA LYS A 11 19.61 1.73 0.33
C LYS A 11 18.35 2.54 0.00
N ALA A 12 17.44 1.95 -0.76
CA ALA A 12 16.21 2.65 -1.16
C ALA A 12 15.32 2.91 0.05
N ALA A 13 15.16 1.89 0.89
CA ALA A 13 14.29 2.00 2.06
C ALA A 13 14.88 2.96 3.09
N TRP A 14 16.16 2.79 3.41
CA TRP A 14 16.78 3.66 4.41
C TRP A 14 16.91 5.07 3.86
N GLY A 15 16.81 5.20 2.54
CA GLY A 15 16.79 6.50 1.89
C GLY A 15 15.46 7.23 2.03
N LYS A 16 14.38 6.47 2.20
CA LYS A 16 13.06 7.06 2.39
C LYS A 16 12.94 7.58 3.83
N VAL A 17 13.66 6.93 4.73
CA VAL A 17 13.74 7.36 6.12
C VAL A 17 14.19 8.83 6.21
N GLY A 18 15.42 9.08 5.77
CA GLY A 18 15.90 10.44 5.52
C GLY A 18 16.07 11.38 6.71
N ALA A 19 15.31 12.46 6.71
CA ALA A 19 15.39 13.45 7.79
C ALA A 19 14.84 12.90 9.10
N HIS A 20 14.13 11.78 9.00
CA HIS A 20 13.44 11.19 10.16
C HIS A 20 14.23 10.08 10.81
N ALA A 21 15.47 9.84 10.34
CA ALA A 21 16.29 8.75 10.87
C ALA A 21 16.39 8.80 12.39
N GLY A 22 16.75 9.96 12.92
CA GLY A 22 16.82 10.15 14.36
C GLY A 22 15.50 9.92 15.08
N GLU A 23 14.42 10.46 14.52
CA GLU A 23 13.09 10.30 15.09
C GLU A 23 12.72 8.81 15.17
N TYR A 24 13.07 8.07 14.13
CA TYR A 24 12.75 6.65 14.07
C TYR A 24 13.63 5.86 15.04
N GLY A 25 14.89 6.26 15.14
CA GLY A 25 15.79 5.67 16.12
C GLY A 25 15.25 5.79 17.53
N ALA A 26 14.79 7.00 17.89
CA ALA A 26 14.24 7.25 19.22
C ALA A 26 12.97 6.42 19.49
N GLU A 27 12.12 6.34 18.48
CA GLU A 27 10.91 5.53 18.57
C GLU A 27 11.24 4.05 18.74
N ALA A 28 12.27 3.57 18.02
CA ALA A 28 12.64 2.16 18.11
C ALA A 28 13.12 1.85 19.53
N LEU A 29 13.92 2.75 20.10
CA LEU A 29 14.37 2.58 21.48
C LEU A 29 13.17 2.57 22.45
N GLU A 30 12.25 3.51 22.27
CA GLU A 30 11.06 3.59 23.12
C GLU A 30 10.26 2.29 23.07
N ARG A 31 10.06 1.77 21.86
CA ARG A 31 9.39 0.49 21.67
C ARG A 31 10.12 -0.62 22.42
N MET A 32 11.43 -0.65 22.33
CA MET A 32 12.21 -1.69 22.98
C MET A 32 12.06 -1.61 24.50
N PHE A 33 12.17 -0.40 25.05
CA PHE A 33 12.09 -0.25 26.50
C PHE A 33 10.73 -0.68 27.04
N LEU A 34 9.67 -0.44 26.28
CA LEU A 34 8.33 -0.79 26.71
C LEU A 34 8.02 -2.28 26.54
N SER A 35 8.37 -2.82 25.39
CA SER A 35 8.11 -4.22 25.08
C SER A 35 9.06 -5.18 25.78
N PHE A 36 10.31 -4.76 25.97
CA PHE A 36 11.33 -5.61 26.56
C PHE A 36 12.03 -4.87 27.70
N PRO A 37 11.34 -4.74 28.85
CA PRO A 37 11.78 -3.86 29.93
C PRO A 37 13.14 -4.24 30.53
N THR A 38 13.57 -5.49 30.36
CA THR A 38 14.90 -5.88 30.82
C THR A 38 15.97 -4.99 30.19
N THR A 39 15.71 -4.47 29.00
CA THR A 39 16.72 -3.66 28.31
C THR A 39 16.98 -2.33 29.01
N LYS A 40 16.06 -1.90 29.87
CA LYS A 40 16.23 -0.60 30.53
C LYS A 40 17.43 -0.57 31.48
N THR A 41 17.83 -1.75 31.98
CA THR A 41 18.92 -1.80 32.95
C THR A 41 20.26 -1.37 32.37
N TYR A 42 20.37 -1.34 31.04
CA TYR A 42 21.58 -0.83 30.38
C TYR A 42 21.66 0.69 30.40
N PHE A 43 20.54 1.31 30.69
CA PHE A 43 20.44 2.78 30.70
C PHE A 43 20.03 3.31 32.07
N PRO A 44 20.78 2.95 33.13
CA PRO A 44 20.28 3.18 34.50
C PRO A 44 19.99 4.63 34.83
N HIS A 45 20.72 5.57 34.25
CA HIS A 45 20.48 6.96 34.59
C HIS A 45 20.04 7.79 33.40
N PHE A 46 19.44 7.13 32.43
CA PHE A 46 18.75 7.82 31.34
C PHE A 46 17.34 8.18 31.76
N ASP A 47 16.86 9.33 31.27
CA ASP A 47 15.43 9.61 31.27
C ASP A 47 14.82 8.76 30.17
N LEU A 48 13.99 7.80 30.57
CA LEU A 48 13.37 6.90 29.60
C LEU A 48 11.88 7.16 29.43
N SER A 49 11.43 8.33 29.88
CA SER A 49 10.02 8.70 29.74
C SER A 49 9.69 8.93 28.28
N HIS A 50 8.41 8.84 27.92
CA HIS A 50 8.00 9.14 26.55
C HIS A 50 8.40 10.57 26.20
N GLY A 51 8.98 10.75 25.02
CA GLY A 51 9.37 12.08 24.56
C GLY A 51 10.69 12.54 25.13
N SER A 52 11.34 11.66 25.90
CA SER A 52 12.62 11.97 26.54
C SER A 52 13.61 12.58 25.58
N ALA A 53 14.18 13.72 25.94
CA ALA A 53 15.21 14.36 25.13
C ALA A 53 16.46 13.48 25.05
N GLN A 54 16.74 12.77 26.14
CA GLN A 54 17.91 11.90 26.18
C GLN A 54 17.74 10.73 25.21
N VAL A 55 16.55 10.14 25.20
CA VAL A 55 16.28 9.08 24.24
C VAL A 55 16.29 9.61 22.79
N LYS A 56 15.77 10.80 22.59
CA LYS A 56 15.78 11.41 21.27
C LYS A 56 17.22 11.58 20.75
N GLY A 57 18.10 12.04 21.63
CA GLY A 57 19.49 12.22 21.26
C GLY A 57 20.15 10.89 20.97
N HIS A 58 19.76 9.87 21.74
CA HIS A 58 20.39 8.58 21.55
C HIS A 58 19.88 7.91 20.29
N GLY A 59 18.61 8.15 19.97
CA GLY A 59 18.04 7.61 18.75
C GLY A 59 18.80 8.14 17.55
N LYS A 60 19.23 9.39 17.64
CA LYS A 60 19.96 9.99 16.52
C LYS A 60 21.32 9.30 16.34
N LYS A 61 21.98 8.98 17.46
CA LYS A 61 23.24 8.23 17.42
C LYS A 61 23.08 6.86 16.79
N VAL A 62 22.05 6.13 17.19
CA VAL A 62 21.78 4.80 16.65
C VAL A 62 21.41 4.88 15.17
N ALA A 63 20.66 5.92 14.82
CA ALA A 63 20.24 6.10 13.43
C ALA A 63 21.42 6.44 12.53
N ASP A 64 22.27 7.34 13.00
CA ASP A 64 23.45 7.74 12.26
C ASP A 64 24.41 6.58 12.04
N ALA A 65 24.53 5.70 13.04
CA ALA A 65 25.43 4.55 12.90
C ALA A 65 24.89 3.60 11.84
N LEU A 66 23.57 3.45 11.81
CA LEU A 66 22.93 2.61 10.79
C LEU A 66 23.10 3.23 9.41
N THR A 67 22.97 4.55 9.32
CA THR A 67 23.19 5.24 8.06
C THR A 67 24.61 5.03 7.55
N ASN A 68 25.59 5.10 8.45
CA ASN A 68 26.97 4.83 8.07
C ASN A 68 27.19 3.38 7.66
N ALA A 69 26.53 2.46 8.37
CA ALA A 69 26.58 1.04 8.03
C ALA A 69 26.06 0.82 6.61
N VAL A 70 24.98 1.50 6.25
CA VAL A 70 24.41 1.39 4.91
C VAL A 70 25.41 1.88 3.87
N ALA A 71 26.04 3.01 4.15
CA ALA A 71 27.07 3.55 3.28
C ALA A 71 28.30 2.63 3.15
N HIS A 72 28.52 1.75 4.12
CA HIS A 72 29.68 0.85 4.10
C HIS A 72 29.27 -0.61 4.19
N VAL A 73 28.21 -0.95 3.47
CA VAL A 73 27.56 -2.25 3.60
C VAL A 73 28.51 -3.42 3.29
N ASP A 74 29.52 -3.17 2.47
CA ASP A 74 30.49 -4.21 2.12
C ASP A 74 31.73 -4.18 3.02
N ASP A 75 31.67 -3.37 4.07
CA ASP A 75 32.82 -3.17 4.93
C ASP A 75 32.34 -2.91 6.35
N MET A 76 31.27 -3.58 6.73
CA MET A 76 30.65 -3.34 8.03
C MET A 76 31.51 -3.66 9.27
N PRO A 77 32.28 -4.76 9.27
CA PRO A 77 33.15 -5.00 10.43
C PRO A 77 34.08 -3.82 10.69
N ASN A 78 34.65 -3.26 9.63
CA ASN A 78 35.50 -2.08 9.76
C ASN A 78 34.72 -0.84 10.21
N ALA A 79 33.56 -0.62 9.59
CA ALA A 79 32.75 0.58 9.86
C ALA A 79 32.22 0.65 11.30
N LEU A 80 31.90 -0.51 11.85
CA LEU A 80 31.26 -0.59 13.16
C LEU A 80 32.26 -1.00 14.25
N SER A 81 33.54 -0.88 13.94
CA SER A 81 34.61 -1.39 14.79
C SER A 81 34.57 -0.86 16.21
N ALA A 82 34.58 0.47 16.35
CA ALA A 82 34.55 1.09 17.67
C ALA A 82 33.29 0.70 18.45
N LEU A 83 32.15 0.66 17.76
CA LEU A 83 30.89 0.30 18.39
C LEU A 83 30.83 -1.16 18.86
N SER A 84 31.53 -2.04 18.14
CA SER A 84 31.60 -3.44 18.54
C SER A 84 32.39 -3.60 19.83
N ASP A 85 33.51 -2.89 19.93
CA ASP A 85 34.29 -2.89 21.16
C ASP A 85 33.46 -2.36 22.32
N LEU A 86 32.75 -1.28 22.07
CA LEU A 86 31.92 -0.64 23.08
C LEU A 86 30.81 -1.55 23.63
N HIS A 87 30.01 -2.13 22.73
CA HIS A 87 28.87 -2.92 23.17
C HIS A 87 29.25 -4.24 23.87
N ALA A 88 30.37 -4.84 23.49
CA ALA A 88 30.80 -6.09 24.12
C ALA A 88 31.60 -5.85 25.40
N HIS A 89 32.66 -5.06 25.30
CA HIS A 89 33.62 -4.95 26.40
C HIS A 89 33.20 -4.02 27.55
N LYS A 90 32.62 -2.87 27.21
CA LYS A 90 32.23 -1.92 28.23
C LYS A 90 30.80 -2.13 28.69
N LEU A 91 29.88 -2.13 27.72
CA LEU A 91 28.46 -2.19 28.02
C LEU A 91 28.00 -3.59 28.37
N ARG A 92 28.75 -4.58 27.87
CA ARG A 92 28.40 -5.99 28.05
C ARG A 92 26.95 -6.28 27.69
N VAL A 93 26.55 -5.81 26.51
CA VAL A 93 25.21 -6.05 26.04
C VAL A 93 25.01 -7.51 25.64
N ASP A 94 24.01 -8.13 26.25
CA ASP A 94 23.60 -9.49 25.92
C ASP A 94 23.26 -9.57 24.42
N PRO A 95 23.85 -10.53 23.68
CA PRO A 95 23.57 -10.68 22.25
C PRO A 95 22.08 -10.75 21.92
N VAL A 96 21.28 -11.36 22.80
CA VAL A 96 19.85 -11.47 22.54
C VAL A 96 19.20 -10.10 22.34
N ASN A 97 19.75 -9.07 22.98
CA ASN A 97 19.11 -7.76 22.92
C ASN A 97 19.19 -7.11 21.54
N PHE A 98 20.17 -7.53 20.74
CA PHE A 98 20.30 -6.96 19.39
C PHE A 98 19.12 -7.36 18.50
N LYS A 99 18.63 -8.59 18.67
CA LYS A 99 17.42 -9.03 17.98
C LYS A 99 16.23 -8.20 18.40
N LEU A 100 16.19 -7.81 19.67
CA LEU A 100 15.04 -7.05 20.17
C LEU A 100 15.03 -5.66 19.56
N LEU A 101 16.17 -4.96 19.60
CA LEU A 101 16.22 -3.65 18.98
C LEU A 101 15.97 -3.73 17.46
N SER A 102 16.52 -4.75 16.80
CA SER A 102 16.31 -4.89 15.37
C SER A 102 14.81 -5.02 15.04
N HIS A 103 14.10 -5.82 15.83
CA HIS A 103 12.68 -6.00 15.64
C HIS A 103 11.96 -4.67 15.81
N CYS A 104 12.33 -3.95 16.86
CA CYS A 104 11.68 -2.66 17.12
C CYS A 104 11.99 -1.66 16.01
N LEU A 105 13.18 -1.74 15.41
CA LEU A 105 13.49 -0.89 14.25
C LEU A 105 12.62 -1.25 13.03
N LEU A 106 12.42 -2.54 12.80
CA LEU A 106 11.55 -2.96 11.70
C LEU A 106 10.10 -2.53 11.91
N VAL A 107 9.60 -2.68 13.14
CA VAL A 107 8.23 -2.27 13.44
C VAL A 107 8.10 -0.76 13.19
N THR A 108 9.10 0.00 13.61
CA THR A 108 9.09 1.46 13.41
C THR A 108 9.03 1.80 11.91
N LEU A 109 9.88 1.15 11.12
CA LEU A 109 9.89 1.40 9.67
C LEU A 109 8.58 0.99 9.03
N ALA A 110 8.04 -0.15 9.46
CA ALA A 110 6.75 -0.60 8.95
C ALA A 110 5.64 0.40 9.27
N ALA A 111 5.69 0.99 10.48
CA ALA A 111 4.67 1.94 10.89
C ALA A 111 4.68 3.22 10.07
N HIS A 112 5.87 3.63 9.63
CA HIS A 112 6.03 4.91 8.94
C HIS A 112 6.06 4.80 7.43
N LEU A 113 6.53 3.67 6.91
CA LEU A 113 6.64 3.49 5.46
C LEU A 113 5.97 2.20 4.98
N PRO A 114 4.64 2.10 5.17
CA PRO A 114 3.94 0.84 4.90
C PRO A 114 4.04 0.40 3.44
N ALA A 115 3.95 1.33 2.49
CA ALA A 115 3.96 0.96 1.08
C ALA A 115 5.35 0.51 0.61
N GLU A 116 6.38 1.09 1.20
CA GLU A 116 7.75 0.73 0.84
C GLU A 116 8.18 -0.58 1.50
N PHE A 117 7.51 -0.93 2.59
CA PHE A 117 7.88 -2.10 3.38
C PHE A 117 7.29 -3.38 2.80
N THR A 118 7.61 -3.66 1.54
CA THR A 118 7.16 -4.88 0.86
C THR A 118 7.81 -6.11 1.49
N PRO A 119 7.30 -7.32 1.17
CA PRO A 119 7.93 -8.51 1.74
C PRO A 119 9.42 -8.64 1.40
N ALA A 120 9.78 -8.34 0.15
CA ALA A 120 11.18 -8.39 -0.25
C ALA A 120 12.07 -7.36 0.47
N VAL A 121 11.54 -6.17 0.71
CA VAL A 121 12.28 -5.13 1.42
C VAL A 121 12.38 -5.46 2.90
N HIS A 122 11.28 -5.99 3.45
CA HIS A 122 11.25 -6.48 4.82
C HIS A 122 12.38 -7.50 5.03
N ALA A 123 12.51 -8.44 4.10
CA ALA A 123 13.53 -9.49 4.17
C ALA A 123 14.93 -8.91 4.10
N SER A 124 15.15 -7.97 3.18
CA SER A 124 16.46 -7.32 3.07
C SER A 124 16.82 -6.51 4.32
N LEU A 125 15.86 -5.79 4.88
CA LEU A 125 16.13 -4.97 6.06
C LEU A 125 16.44 -5.85 7.26
N ASP A 126 15.72 -6.96 7.39
CA ASP A 126 15.99 -7.91 8.46
C ASP A 126 17.40 -8.48 8.36
N LYS A 127 17.80 -8.85 7.14
CA LYS A 127 19.17 -9.36 6.91
C LYS A 127 20.25 -8.32 7.23
N PHE A 128 19.98 -7.08 6.88
CA PHE A 128 20.88 -5.97 7.18
C PHE A 128 21.04 -5.79 8.69
N LEU A 129 19.92 -5.76 9.40
CA LEU A 129 19.97 -5.57 10.85
C LEU A 129 20.59 -6.77 11.55
N ALA A 130 20.38 -7.96 11.00
CA ALA A 130 21.02 -9.17 11.52
C ALA A 130 22.54 -9.11 11.30
N SER A 131 22.95 -8.53 10.18
CA SER A 131 24.37 -8.37 9.89
C SER A 131 25.00 -7.33 10.83
N VAL A 132 24.31 -6.22 11.03
CA VAL A 132 24.77 -5.21 11.97
C VAL A 132 24.91 -5.84 13.35
N SER A 133 23.92 -6.63 13.72
CA SER A 133 23.94 -7.29 15.02
C SER A 133 25.10 -8.29 15.13
N THR A 134 25.34 -9.04 14.08
CA THR A 134 26.45 -10.00 14.08
C THR A 134 27.78 -9.28 14.29
N VAL A 135 27.93 -8.13 13.66
CA VAL A 135 29.17 -7.37 13.81
C VAL A 135 29.27 -6.78 15.21
N LEU A 136 28.15 -6.31 15.74
CA LEU A 136 28.18 -5.67 17.05
C LEU A 136 28.44 -6.66 18.19
N THR A 137 28.23 -7.95 17.94
CA THR A 137 28.51 -8.97 18.94
C THR A 137 29.83 -9.72 18.65
N SER A 138 30.57 -9.25 17.64
CA SER A 138 31.78 -9.92 17.19
C SER A 138 32.94 -9.98 18.19
N LYS A 139 32.98 -9.05 19.14
CA LYS A 139 34.10 -9.03 20.09
C LYS A 139 33.90 -10.02 21.24
N TYR A 140 32.76 -10.72 21.22
CA TYR A 140 32.54 -11.86 22.09
C TYR A 140 33.15 -13.10 21.45
N ARG A 141 33.46 -12.98 20.17
CA ARG A 141 34.08 -14.08 19.42
C ARG A 141 35.55 -13.81 19.15
N VAL B 1 -3.24 -13.98 33.27
CA VAL B 1 -1.83 -14.31 33.30
C VAL B 1 -0.98 -13.20 32.68
N HIS B 2 -0.46 -12.33 33.55
CA HIS B 2 0.49 -11.27 33.18
C HIS B 2 -0.11 -10.16 32.33
N PHE B 3 -1.22 -10.44 31.68
CA PHE B 3 -1.93 -9.41 30.95
C PHE B 3 -2.65 -8.53 31.95
N THR B 4 -2.45 -7.23 31.84
CA THR B 4 -3.26 -6.28 32.57
C THR B 4 -4.58 -6.14 31.82
N GLU B 5 -5.57 -5.52 32.45
CA GLU B 5 -6.84 -5.30 31.76
C GLU B 5 -6.61 -4.42 30.54
N GLU B 6 -5.76 -3.41 30.69
CA GLU B 6 -5.41 -2.51 29.60
C GLU B 6 -4.86 -3.27 28.40
N ASP B 7 -3.99 -4.25 28.68
CA ASP B 7 -3.41 -5.10 27.64
C ASP B 7 -4.50 -5.81 26.86
N LYS B 8 -5.45 -6.39 27.59
CA LYS B 8 -6.56 -7.12 26.99
C LYS B 8 -7.44 -6.18 26.18
N ALA B 9 -7.71 -5.00 26.72
CA ALA B 9 -8.48 -4.00 25.99
C ALA B 9 -7.85 -3.67 24.64
N THR B 10 -6.55 -3.41 24.68
CA THR B 10 -5.80 -3.03 23.49
C THR B 10 -5.77 -4.14 22.44
N ILE B 11 -5.48 -5.35 22.89
CA ILE B 11 -5.42 -6.50 21.99
C ILE B 11 -6.79 -6.74 21.36
N THR B 12 -7.83 -6.75 22.19
CA THR B 12 -9.19 -7.00 21.69
C THR B 12 -9.64 -5.94 20.67
N SER B 13 -9.38 -4.67 20.98
CA SER B 13 -9.79 -3.58 20.11
C SER B 13 -9.12 -3.64 18.73
N LEU B 14 -7.79 -3.72 18.73
CA LEU B 14 -7.04 -3.68 17.48
C LEU B 14 -7.42 -4.89 16.62
N TRP B 15 -7.61 -6.04 17.25
CA TRP B 15 -7.95 -7.26 16.54
C TRP B 15 -9.29 -7.12 15.81
N GLY B 16 -10.22 -6.42 16.43
CA GLY B 16 -11.53 -6.21 15.82
C GLY B 16 -11.43 -5.49 14.49
N LYS B 17 -10.40 -4.66 14.35
CA LYS B 17 -10.24 -3.86 13.14
C LYS B 17 -9.36 -4.53 12.09
N VAL B 18 -8.75 -5.64 12.46
CA VAL B 18 -7.92 -6.42 11.55
C VAL B 18 -8.77 -7.15 10.51
N ASN B 19 -8.35 -7.12 9.25
CA ASN B 19 -8.93 -8.02 8.25
C ASN B 19 -8.17 -9.33 8.29
N VAL B 20 -8.78 -10.34 8.91
CA VAL B 20 -8.09 -11.60 9.21
C VAL B 20 -7.55 -12.32 7.97
N GLU B 21 -8.36 -12.41 6.93
CA GLU B 21 -7.93 -13.05 5.69
C GLU B 21 -6.65 -12.40 5.15
N ASP B 22 -6.70 -11.10 4.94
CA ASP B 22 -5.54 -10.38 4.40
C ASP B 22 -4.35 -10.47 5.34
N ALA B 23 -4.58 -10.26 6.63
CA ALA B 23 -3.48 -10.24 7.59
C ALA B 23 -2.88 -11.63 7.79
N GLY B 24 -3.72 -12.66 7.71
CA GLY B 24 -3.25 -14.03 7.85
C GLY B 24 -2.28 -14.42 6.76
N GLY B 25 -2.68 -14.18 5.50
CA GLY B 25 -1.82 -14.45 4.36
C GLY B 25 -0.56 -13.62 4.38
N GLU B 26 -0.68 -12.38 4.82
CA GLU B 26 0.47 -11.49 4.86
C GLU B 26 1.48 -11.97 5.89
N THR B 27 0.98 -12.44 7.02
CA THR B 27 1.85 -12.84 8.13
C THR B 27 2.59 -14.13 7.79
N LEU B 28 1.88 -15.16 7.37
CA LEU B 28 2.54 -16.41 7.02
C LEU B 28 3.45 -16.24 5.81
N GLY B 29 2.98 -15.49 4.82
CA GLY B 29 3.78 -15.19 3.63
C GLY B 29 5.09 -14.50 3.99
N ARG B 30 5.01 -13.48 4.84
CA ARG B 30 6.24 -12.79 5.24
C ARG B 30 7.16 -13.67 6.07
N LEU B 31 6.58 -14.53 6.90
CA LEU B 31 7.38 -15.47 7.66
C LEU B 31 8.25 -16.31 6.70
N LEU B 32 7.63 -16.82 5.64
CA LEU B 32 8.34 -17.65 4.67
C LEU B 32 9.36 -16.89 3.83
N VAL B 33 9.07 -15.64 3.51
CA VAL B 33 9.99 -14.82 2.73
C VAL B 33 11.19 -14.34 3.56
N VAL B 34 10.90 -13.78 4.72
CA VAL B 34 11.92 -13.14 5.56
C VAL B 34 12.80 -14.18 6.25
N TYR B 35 12.20 -15.30 6.64
CA TYR B 35 12.90 -16.37 7.33
C TYR B 35 12.75 -17.68 6.57
N PRO B 36 13.54 -17.85 5.50
CA PRO B 36 13.33 -18.93 4.52
C PRO B 36 13.49 -20.34 5.08
N TRP B 37 14.23 -20.48 6.18
CA TRP B 37 14.32 -21.78 6.85
C TRP B 37 12.94 -22.33 7.24
N THR B 38 11.99 -21.45 7.48
CA THR B 38 10.65 -21.87 7.88
C THR B 38 9.92 -22.57 6.73
N GLN B 39 10.42 -22.40 5.51
CA GLN B 39 9.78 -23.04 4.36
C GLN B 39 9.86 -24.55 4.41
N ARG B 40 10.86 -25.08 5.12
CA ARG B 40 11.06 -26.53 5.13
C ARG B 40 9.90 -27.28 5.79
N PHE B 41 9.05 -26.56 6.50
CA PHE B 41 7.88 -27.17 7.12
C PHE B 41 6.66 -27.23 6.19
N PHE B 42 6.76 -26.59 5.02
CA PHE B 42 5.60 -26.45 4.15
C PHE B 42 5.83 -27.00 2.73
N ASP B 43 6.46 -28.17 2.64
CA ASP B 43 6.79 -28.77 1.35
C ASP B 43 5.56 -29.11 0.49
N SER B 44 4.42 -29.34 1.14
CA SER B 44 3.22 -29.74 0.41
C SER B 44 2.42 -28.53 -0.09
N PHE B 45 2.93 -27.33 0.17
CA PHE B 45 2.24 -26.09 -0.17
C PHE B 45 2.49 -25.62 -1.59
N GLY B 46 3.31 -26.34 -2.32
CA GLY B 46 3.57 -25.99 -3.70
C GLY B 46 4.69 -24.99 -3.85
N ASN B 47 4.47 -23.99 -4.71
CA ASN B 47 5.55 -23.08 -5.09
C ASN B 47 5.87 -22.03 -4.03
N LEU B 48 7.09 -22.11 -3.50
CA LEU B 48 7.57 -21.16 -2.50
C LEU B 48 8.92 -20.60 -2.91
N SER B 49 9.20 -20.59 -4.21
CA SER B 49 10.55 -20.35 -4.70
C SER B 49 10.96 -18.88 -4.82
N SER B 50 10.02 -17.98 -4.59
CA SER B 50 10.32 -16.54 -4.64
C SER B 50 9.31 -15.79 -3.79
N ALA B 51 9.62 -14.52 -3.49
CA ALA B 51 8.72 -13.67 -2.73
C ALA B 51 7.34 -13.61 -3.39
N SER B 52 7.30 -13.35 -4.69
CA SER B 52 6.04 -13.23 -5.42
C SER B 52 5.25 -14.54 -5.38
N ALA B 53 5.95 -15.67 -5.56
CA ALA B 53 5.28 -16.96 -5.59
C ALA B 53 4.69 -17.26 -4.21
N ILE B 54 5.47 -16.99 -3.17
CA ILE B 54 5.02 -17.21 -1.80
C ILE B 54 3.81 -16.35 -1.50
N MET B 55 3.91 -15.06 -1.79
CA MET B 55 2.84 -14.12 -1.45
C MET B 55 1.60 -14.33 -2.33
N GLY B 56 1.77 -15.00 -3.46
CA GLY B 56 0.63 -15.29 -4.33
C GLY B 56 0.11 -16.70 -4.17
N ASN B 57 0.72 -17.45 -3.26
CA ASN B 57 0.35 -18.85 -3.05
C ASN B 57 -0.94 -18.98 -2.24
N PRO B 58 -1.97 -19.60 -2.85
CA PRO B 58 -3.27 -19.74 -2.18
C PRO B 58 -3.23 -20.61 -0.91
N LYS B 59 -2.39 -21.64 -0.87
CA LYS B 59 -2.32 -22.48 0.33
C LYS B 59 -1.68 -21.71 1.48
N VAL B 60 -0.70 -20.88 1.15
CA VAL B 60 -0.10 -19.98 2.13
C VAL B 60 -1.16 -19.05 2.72
N LYS B 61 -1.94 -18.42 1.86
CA LYS B 61 -3.01 -17.53 2.32
C LYS B 61 -4.02 -18.25 3.22
N ALA B 62 -4.47 -19.42 2.77
CA ALA B 62 -5.46 -20.18 3.50
C ALA B 62 -4.94 -20.59 4.88
N HIS B 63 -3.69 -21.04 4.93
CA HIS B 63 -3.12 -21.48 6.20
C HIS B 63 -2.94 -20.30 7.15
N GLY B 64 -2.53 -19.16 6.60
CA GLY B 64 -2.37 -17.95 7.38
C GLY B 64 -3.67 -17.54 8.06
N LYS B 65 -4.77 -17.66 7.33
CA LYS B 65 -6.10 -17.37 7.88
C LYS B 65 -6.38 -18.29 9.06
N LYS B 66 -6.04 -19.57 8.90
CA LYS B 66 -6.25 -20.56 9.96
C LYS B 66 -5.45 -20.20 11.19
N VAL B 67 -4.19 -19.81 10.99
CA VAL B 67 -3.30 -19.43 12.06
C VAL B 67 -3.85 -18.24 12.83
N LEU B 68 -4.22 -17.18 12.12
CA LEU B 68 -4.74 -15.98 12.77
C LEU B 68 -6.09 -16.21 13.44
N THR B 69 -6.88 -17.13 12.89
CA THR B 69 -8.15 -17.47 13.51
C THR B 69 -7.95 -18.13 14.87
N SER B 70 -6.92 -18.97 14.99
CA SER B 70 -6.62 -19.60 16.26
C SER B 70 -6.15 -18.56 17.27
N LEU B 71 -5.43 -17.55 16.77
CA LEU B 71 -4.99 -16.45 17.62
C LEU B 71 -6.18 -15.62 18.07
N GLY B 72 -7.09 -15.32 17.15
CA GLY B 72 -8.28 -14.55 17.48
C GLY B 72 -9.12 -15.27 18.50
N ASP B 73 -9.30 -16.58 18.30
CA ASP B 73 -10.03 -17.41 19.24
C ASP B 73 -9.39 -17.41 20.62
N ALA B 74 -8.05 -17.34 20.65
CA ALA B 74 -7.32 -17.32 21.91
C ALA B 74 -7.49 -15.98 22.61
N ILE B 75 -7.65 -14.93 21.81
CA ILE B 75 -7.79 -13.57 22.33
C ILE B 75 -9.03 -13.45 23.22
N LYS B 76 -9.98 -14.34 23.02
CA LYS B 76 -11.18 -14.42 23.85
C LYS B 76 -10.86 -14.87 25.28
N HIS B 77 -9.74 -15.56 25.47
CA HIS B 77 -9.37 -16.09 26.79
C HIS B 77 -7.90 -15.89 27.12
N LEU B 78 -7.47 -14.63 27.19
CA LEU B 78 -6.05 -14.30 27.32
C LEU B 78 -5.36 -14.85 28.57
N ASP B 79 -6.14 -15.12 29.62
CA ASP B 79 -5.57 -15.65 30.85
C ASP B 79 -5.39 -17.17 30.83
N ASP B 80 -5.85 -17.81 29.77
CA ASP B 80 -5.70 -19.27 29.64
C ASP B 80 -5.14 -19.68 28.28
N LEU B 81 -4.08 -19.01 27.86
CA LEU B 81 -3.42 -19.33 26.60
C LEU B 81 -2.90 -20.77 26.61
N LYS B 82 -2.34 -21.18 27.74
CA LYS B 82 -1.74 -22.50 27.88
C LYS B 82 -2.75 -23.59 27.54
N GLY B 83 -3.94 -23.49 28.14
CA GLY B 83 -5.01 -24.43 27.87
C GLY B 83 -5.54 -24.34 26.45
N THR B 84 -5.73 -23.12 25.96
CA THR B 84 -6.22 -22.90 24.61
C THR B 84 -5.33 -23.54 23.55
N PHE B 85 -4.02 -23.47 23.75
CA PHE B 85 -3.06 -23.96 22.75
C PHE B 85 -2.46 -25.33 23.06
N ALA B 86 -2.99 -26.01 24.07
CA ALA B 86 -2.48 -27.32 24.45
C ALA B 86 -2.40 -28.31 23.28
N GLN B 87 -3.48 -28.37 22.50
CA GLN B 87 -3.56 -29.30 21.38
C GLN B 87 -2.59 -28.91 20.26
N LEU B 88 -2.55 -27.61 19.96
CA LEU B 88 -1.64 -27.11 18.95
C LEU B 88 -0.18 -27.28 19.36
N SER B 89 0.08 -27.23 20.67
CA SER B 89 1.42 -27.46 21.20
C SER B 89 1.87 -28.88 20.87
N GLU B 90 1.00 -29.85 21.13
CA GLU B 90 1.30 -31.23 20.80
C GLU B 90 1.57 -31.39 19.30
N LEU B 91 0.76 -30.75 18.47
CA LEU B 91 0.92 -30.84 17.03
C LEU B 91 2.27 -30.27 16.56
N HIS B 92 2.59 -29.07 17.02
CA HIS B 92 3.80 -28.40 16.56
C HIS B 92 5.09 -28.98 17.13
N CYS B 93 5.02 -29.42 18.39
CA CYS B 93 6.21 -29.92 19.07
C CYS B 93 6.44 -31.42 18.84
N ASP B 94 5.41 -32.22 19.06
CA ASP B 94 5.56 -33.67 19.01
C ASP B 94 5.46 -34.25 17.61
N LYS B 95 4.75 -33.56 16.71
CA LYS B 95 4.50 -34.08 15.37
C LYS B 95 5.27 -33.36 14.27
N LEU B 96 5.33 -32.04 14.34
CA LEU B 96 5.96 -31.24 13.30
C LEU B 96 7.41 -30.91 13.63
N HIS B 97 7.74 -30.96 14.92
CA HIS B 97 9.05 -30.55 15.41
C HIS B 97 9.48 -29.15 14.95
N VAL B 98 8.58 -28.18 15.15
CA VAL B 98 8.91 -26.79 14.87
C VAL B 98 9.78 -26.27 16.00
N ASP B 99 10.82 -25.53 15.65
CA ASP B 99 11.70 -24.94 16.67
C ASP B 99 10.90 -23.96 17.50
N PRO B 100 10.94 -24.09 18.84
CA PRO B 100 10.16 -23.24 19.73
C PRO B 100 10.46 -21.75 19.55
N GLU B 101 11.69 -21.43 19.16
CA GLU B 101 12.07 -20.05 18.91
C GLU B 101 11.35 -19.48 17.68
N ASN B 102 10.97 -20.36 16.75
CA ASN B 102 10.20 -19.91 15.58
C ASN B 102 8.76 -19.47 15.89
N PHE B 103 8.22 -19.86 17.03
CA PHE B 103 6.91 -19.38 17.45
C PHE B 103 6.98 -17.87 17.66
N LYS B 104 8.08 -17.42 18.24
CA LYS B 104 8.29 -16.01 18.48
C LYS B 104 8.45 -15.25 17.16
N LEU B 105 9.08 -15.89 16.18
CA LEU B 105 9.27 -15.28 14.88
C LEU B 105 7.94 -14.98 14.19
N LEU B 106 7.03 -15.94 14.21
CA LEU B 106 5.73 -15.70 13.57
C LEU B 106 5.01 -14.56 14.28
N GLY B 107 5.05 -14.56 15.62
CA GLY B 107 4.39 -13.52 16.40
C GLY B 107 4.97 -12.15 16.09
N ASN B 108 6.30 -12.08 16.02
CA ASN B 108 6.97 -10.83 15.69
C ASN B 108 6.63 -10.38 14.28
N VAL B 109 6.50 -11.32 13.35
CA VAL B 109 6.11 -10.95 11.99
C VAL B 109 4.68 -10.40 11.98
N LEU B 110 3.80 -11.03 12.77
CA LEU B 110 2.42 -10.53 12.91
C LEU B 110 2.45 -9.09 13.44
N VAL B 111 3.30 -8.84 14.42
CA VAL B 111 3.44 -7.49 14.96
C VAL B 111 3.83 -6.49 13.86
N THR B 112 4.73 -6.91 12.96
CA THR B 112 5.14 -6.02 11.87
C THR B 112 3.99 -5.80 10.90
N VAL B 113 3.19 -6.84 10.69
CA VAL B 113 2.02 -6.71 9.82
C VAL B 113 0.97 -5.77 10.44
N LEU B 114 0.81 -5.84 11.76
CA LEU B 114 -0.10 -4.90 12.44
C LEU B 114 0.39 -3.46 12.31
N ALA B 115 1.71 -3.28 12.42
CA ALA B 115 2.31 -1.95 12.27
C ALA B 115 2.08 -1.38 10.87
N ILE B 116 2.25 -2.22 9.85
CA ILE B 116 1.96 -1.80 8.48
C ILE B 116 0.51 -1.33 8.34
N HIS B 117 -0.42 -2.10 8.90
CA HIS B 117 -1.84 -1.85 8.74
C HIS B 117 -2.38 -0.70 9.60
N PHE B 118 -1.76 -0.44 10.73
CA PHE B 118 -2.27 0.55 11.67
C PHE B 118 -1.42 1.82 11.78
N GLY B 119 -0.16 1.73 11.34
CA GLY B 119 0.69 2.90 11.28
C GLY B 119 0.83 3.58 12.62
N LYS B 120 0.63 4.89 12.64
CA LYS B 120 0.85 5.67 13.85
C LYS B 120 -0.04 5.23 15.01
N GLU B 121 -1.15 4.58 14.69
CA GLU B 121 -2.03 4.04 15.71
C GLU B 121 -1.42 2.84 16.44
N PHE B 122 -0.38 2.24 15.86
CA PHE B 122 0.33 1.15 16.51
C PHE B 122 1.46 1.72 17.36
N THR B 123 1.08 2.38 18.46
CA THR B 123 2.04 3.04 19.36
C THR B 123 2.98 2.06 20.07
N PRO B 124 4.07 2.59 20.63
CA PRO B 124 4.91 1.74 21.49
C PRO B 124 4.11 1.07 22.62
N GLU B 125 3.15 1.78 23.23
CA GLU B 125 2.33 1.20 24.28
C GLU B 125 1.47 0.07 23.73
N VAL B 126 0.92 0.27 22.53
CA VAL B 126 0.08 -0.72 21.89
C VAL B 126 0.90 -1.95 21.51
N GLN B 127 2.09 -1.72 20.97
CA GLN B 127 2.98 -2.83 20.64
C GLN B 127 3.34 -3.65 21.87
N ALA B 128 3.61 -2.98 22.99
CA ALA B 128 3.99 -3.68 24.22
C ALA B 128 2.93 -4.69 24.65
N SER B 129 1.66 -4.30 24.59
CA SER B 129 0.57 -5.22 24.88
C SER B 129 0.61 -6.41 23.94
N TRP B 130 0.82 -6.14 22.65
CA TRP B 130 0.91 -7.20 21.67
C TRP B 130 2.12 -8.11 21.80
N GLN B 131 3.24 -7.57 22.27
CA GLN B 131 4.42 -8.42 22.50
C GLN B 131 4.18 -9.38 23.67
N LYS B 132 3.36 -8.97 24.62
CA LYS B 132 2.98 -9.85 25.73
C LYS B 132 2.21 -11.03 25.15
N MET B 133 1.39 -10.72 24.16
CA MET B 133 0.61 -11.73 23.46
C MET B 133 1.54 -12.70 22.72
N VAL B 134 2.52 -12.16 22.01
CA VAL B 134 3.52 -12.98 21.33
C VAL B 134 4.25 -13.93 22.29
N THR B 135 4.73 -13.38 23.40
CA THR B 135 5.43 -14.16 24.41
C THR B 135 4.52 -15.23 25.02
N GLY B 136 3.29 -14.83 25.33
CA GLY B 136 2.32 -15.76 25.92
C GLY B 136 1.97 -16.90 24.99
N VAL B 137 1.73 -16.57 23.73
CA VAL B 137 1.42 -17.57 22.72
C VAL B 137 2.59 -18.52 22.47
N ALA B 138 3.80 -17.97 22.39
CA ALA B 138 4.97 -18.80 22.13
C ALA B 138 5.21 -19.74 23.31
N SER B 139 5.02 -19.22 24.51
CA SER B 139 5.21 -20.01 25.72
C SER B 139 4.18 -21.15 25.76
N ALA B 140 2.94 -20.83 25.40
CA ALA B 140 1.87 -21.83 25.43
C ALA B 140 2.11 -22.92 24.39
N LEU B 141 2.58 -22.53 23.22
CA LEU B 141 2.87 -23.50 22.16
C LEU B 141 4.10 -24.34 22.48
N SER B 142 5.03 -23.78 23.23
CA SER B 142 6.29 -24.47 23.54
C SER B 142 6.15 -25.41 24.72
N SER B 143 4.94 -25.48 25.27
CA SER B 143 4.67 -26.24 26.48
C SER B 143 5.17 -27.69 26.41
N ARG B 144 4.92 -28.34 25.27
CA ARG B 144 5.25 -29.75 25.10
C ARG B 144 6.72 -30.00 24.77
N TYR B 145 7.54 -28.96 24.88
CA TYR B 145 8.98 -29.11 24.66
C TYR B 145 9.75 -29.34 25.95
N HIS B 146 9.08 -29.21 27.08
CA HIS B 146 9.68 -29.58 28.36
C HIS B 146 8.69 -30.37 29.23
N VAL C 1 37.78 -11.88 18.37
CA VAL C 1 38.87 -12.53 17.64
C VAL C 1 39.58 -13.56 18.52
N LEU C 2 39.99 -14.68 17.92
CA LEU C 2 40.75 -15.70 18.65
C LEU C 2 42.14 -15.24 19.07
N SER C 3 42.50 -15.44 20.34
CA SER C 3 43.81 -15.05 20.86
C SER C 3 44.86 -16.12 20.53
N PRO C 4 46.16 -15.81 20.75
CA PRO C 4 47.17 -16.86 20.56
C PRO C 4 46.89 -18.11 21.38
N ALA C 5 46.48 -17.91 22.63
CA ALA C 5 46.15 -19.04 23.50
C ALA C 5 44.90 -19.77 23.01
N ASP C 6 43.91 -19.03 22.52
CA ASP C 6 42.73 -19.64 21.94
C ASP C 6 43.12 -20.60 20.84
N LYS C 7 44.01 -20.14 19.96
CA LYS C 7 44.42 -20.94 18.81
C LYS C 7 45.19 -22.16 19.25
N THR C 8 46.09 -21.99 20.21
CA THR C 8 46.84 -23.11 20.78
C THR C 8 45.88 -24.14 21.37
N ASN C 9 44.95 -23.65 22.18
CA ASN C 9 43.95 -24.50 22.84
C ASN C 9 43.09 -25.29 21.87
N VAL C 10 42.64 -24.63 20.81
CA VAL C 10 41.76 -25.27 19.85
C VAL C 10 42.50 -26.36 19.10
N LYS C 11 43.70 -26.06 18.64
CA LYS C 11 44.50 -27.05 17.92
C LYS C 11 44.86 -28.22 18.82
N ALA C 12 45.14 -27.94 20.08
CA ALA C 12 45.51 -28.99 21.00
C ALA C 12 44.33 -29.92 21.27
N ALA C 13 43.17 -29.34 21.57
CA ALA C 13 41.98 -30.09 21.92
C ALA C 13 41.52 -30.94 20.74
N TRP C 14 41.45 -30.34 19.57
CA TRP C 14 40.96 -31.06 18.40
C TRP C 14 41.95 -32.14 17.95
N GLY C 15 43.23 -31.91 18.24
CA GLY C 15 44.25 -32.92 18.02
C GLY C 15 44.07 -34.12 18.93
N LYS C 16 43.54 -33.89 20.13
CA LYS C 16 43.34 -34.96 21.11
C LYS C 16 42.22 -35.93 20.69
N VAL C 17 41.49 -35.57 19.65
CA VAL C 17 40.40 -36.41 19.16
C VAL C 17 40.94 -37.73 18.57
N GLY C 18 42.22 -37.73 18.21
CA GLY C 18 42.85 -38.96 17.74
C GLY C 18 42.21 -39.48 16.48
N ALA C 19 42.01 -40.79 16.40
CA ALA C 19 41.44 -41.43 15.21
C ALA C 19 39.91 -41.29 15.17
N HIS C 20 39.35 -40.53 16.10
CA HIS C 20 37.91 -40.52 16.32
C HIS C 20 37.18 -39.24 15.90
N ALA C 21 37.79 -38.43 15.03
CA ALA C 21 37.14 -37.19 14.61
C ALA C 21 35.76 -37.44 13.99
N GLY C 22 35.69 -38.39 13.08
CA GLY C 22 34.45 -38.74 12.40
C GLY C 22 33.43 -39.29 13.39
N GLU C 23 33.90 -40.16 14.29
CA GLU C 23 33.01 -40.71 15.31
C GLU C 23 32.41 -39.63 16.20
N TYR C 24 33.23 -38.66 16.61
CA TYR C 24 32.77 -37.58 17.46
C TYR C 24 31.81 -36.65 16.72
N GLY C 25 32.09 -36.42 15.44
CA GLY C 25 31.17 -35.68 14.59
C GLY C 25 29.80 -36.34 14.52
N ALA C 26 29.79 -37.65 14.35
CA ALA C 26 28.54 -38.40 14.27
C ALA C 26 27.82 -38.41 15.62
N GLU C 27 28.59 -38.50 16.70
CA GLU C 27 28.01 -38.45 18.04
C GLU C 27 27.36 -37.09 18.31
N ALA C 28 28.00 -36.03 17.87
CA ALA C 28 27.44 -34.69 18.06
C ALA C 28 26.10 -34.55 17.34
N LEU C 29 26.04 -35.04 16.09
CA LEU C 29 24.79 -35.03 15.31
C LEU C 29 23.71 -35.86 16.00
N GLU C 30 24.09 -37.04 16.48
CA GLU C 30 23.15 -37.92 17.18
C GLU C 30 22.58 -37.23 18.43
N ARG C 31 23.44 -36.59 19.21
CA ARG C 31 23.02 -35.82 20.37
C ARG C 31 22.07 -34.70 19.97
N MET C 32 22.42 -34.00 18.89
CA MET C 32 21.59 -32.88 18.43
C MET C 32 20.18 -33.32 17.99
N PHE C 33 20.12 -34.41 17.22
CA PHE C 33 18.84 -34.91 16.73
C PHE C 33 17.93 -35.38 17.89
N LEU C 34 18.54 -35.94 18.93
CA LEU C 34 17.78 -36.42 20.08
C LEU C 34 17.28 -35.28 20.97
N SER C 35 18.16 -34.33 21.29
CA SER C 35 17.80 -33.24 22.20
C SER C 35 17.02 -32.13 21.51
N PHE C 36 17.27 -31.96 20.22
CA PHE C 36 16.67 -30.86 19.46
C PHE C 36 16.11 -31.37 18.14
N PRO C 37 14.99 -32.10 18.20
CA PRO C 37 14.47 -32.79 17.02
C PRO C 37 14.10 -31.88 15.85
N THR C 38 13.91 -30.58 16.07
CA THR C 38 13.69 -29.67 14.94
C THR C 38 14.80 -29.76 13.90
N THR C 39 16.01 -30.10 14.33
CA THR C 39 17.14 -30.13 13.43
C THR C 39 17.06 -31.30 12.46
N LYS C 40 16.25 -32.30 12.80
CA LYS C 40 16.09 -33.47 11.93
C LYS C 40 15.41 -33.07 10.61
N THR C 41 14.63 -32.01 10.66
CA THR C 41 13.85 -31.60 9.51
C THR C 41 14.69 -31.03 8.36
N TYR C 42 15.98 -30.77 8.62
CA TYR C 42 16.90 -30.35 7.56
C TYR C 42 17.44 -31.55 6.80
N PHE C 43 17.17 -32.74 7.29
CA PHE C 43 17.74 -33.95 6.68
C PHE C 43 16.64 -34.94 6.22
N PRO C 44 15.72 -34.48 5.36
CA PRO C 44 14.62 -35.38 4.99
C PRO C 44 15.06 -36.62 4.21
N HIS C 45 16.19 -36.52 3.51
CA HIS C 45 16.67 -37.64 2.72
C HIS C 45 17.67 -38.51 3.47
N PHE C 46 17.66 -38.41 4.79
CA PHE C 46 18.55 -39.20 5.64
C PHE C 46 17.78 -40.22 6.46
N ASP C 47 18.34 -41.41 6.60
CA ASP C 47 18.00 -42.31 7.69
C ASP C 47 18.64 -41.71 8.94
N LEU C 48 17.83 -41.29 9.91
CA LEU C 48 18.38 -40.65 11.11
C LEU C 48 18.33 -41.56 12.33
N SER C 49 18.05 -42.85 12.13
CA SER C 49 18.03 -43.80 13.23
C SER C 49 19.38 -43.89 13.93
N HIS C 50 19.38 -44.37 15.18
CA HIS C 50 20.61 -44.52 15.95
C HIS C 50 21.57 -45.46 15.24
N GLY C 51 22.81 -45.02 15.07
CA GLY C 51 23.82 -45.80 14.38
C GLY C 51 23.69 -45.80 12.88
N SER C 52 22.85 -44.93 12.34
CA SER C 52 22.69 -44.80 10.89
C SER C 52 24.02 -44.57 10.18
N ALA C 53 24.21 -45.27 9.06
CA ALA C 53 25.42 -45.12 8.27
C ALA C 53 25.49 -43.73 7.63
N GLN C 54 24.34 -43.20 7.24
CA GLN C 54 24.29 -41.86 6.65
C GLN C 54 24.74 -40.80 7.64
N VAL C 55 24.34 -40.96 8.89
CA VAL C 55 24.75 -40.02 9.95
C VAL C 55 26.23 -40.18 10.23
N LYS C 56 26.72 -41.41 10.25
CA LYS C 56 28.13 -41.66 10.46
C LYS C 56 28.95 -41.00 9.34
N GLY C 57 28.50 -41.18 8.11
CA GLY C 57 29.15 -40.59 6.95
C GLY C 57 29.10 -39.07 7.00
N HIS C 58 28.00 -38.54 7.52
CA HIS C 58 27.90 -37.10 7.58
C HIS C 58 28.78 -36.54 8.68
N GLY C 59 28.89 -37.26 9.78
CA GLY C 59 29.71 -36.83 10.89
C GLY C 59 31.15 -36.71 10.48
N LYS C 60 31.58 -37.57 9.55
CA LYS C 60 32.94 -37.51 9.04
C LYS C 60 33.13 -36.23 8.21
N LYS C 61 32.09 -35.86 7.47
CA LYS C 61 32.17 -34.62 6.69
C LYS C 61 32.29 -33.41 7.61
N VAL C 62 31.45 -33.34 8.63
CA VAL C 62 31.50 -32.23 9.58
C VAL C 62 32.84 -32.18 10.29
N ALA C 63 33.38 -33.34 10.62
CA ALA C 63 34.67 -33.43 11.28
C ALA C 63 35.79 -32.93 10.37
N ASP C 64 35.75 -33.37 9.12
CA ASP C 64 36.74 -32.96 8.13
C ASP C 64 36.74 -31.44 7.98
N ALA C 65 35.54 -30.87 7.91
CA ALA C 65 35.40 -29.42 7.79
C ALA C 65 35.98 -28.69 8.99
N LEU C 66 35.70 -29.21 10.20
CA LEU C 66 36.25 -28.64 11.41
C LEU C 66 37.78 -28.79 11.46
N THR C 67 38.27 -29.94 11.02
CA THR C 67 39.71 -30.18 10.95
C THR C 67 40.37 -29.14 10.04
N ASN C 68 39.73 -28.86 8.92
CA ASN C 68 40.23 -27.84 8.01
C ASN C 68 40.17 -26.45 8.64
N ALA C 69 39.08 -26.17 9.35
CA ALA C 69 38.89 -24.86 10.00
C ALA C 69 39.93 -24.64 11.09
N VAL C 70 40.25 -25.69 11.84
CA VAL C 70 41.33 -25.63 12.83
C VAL C 70 42.68 -25.39 12.18
N ALA C 71 42.89 -25.98 11.00
CA ALA C 71 44.15 -25.82 10.27
C ALA C 71 44.33 -24.40 9.78
N HIS C 72 43.24 -23.76 9.37
CA HIS C 72 43.29 -22.41 8.83
C HIS C 72 42.59 -21.44 9.75
N VAL C 73 42.94 -21.56 11.04
CA VAL C 73 42.24 -20.83 12.09
C VAL C 73 42.44 -19.32 11.97
N ASP C 74 43.46 -18.92 11.23
CA ASP C 74 43.73 -17.51 11.03
C ASP C 74 42.90 -16.91 9.89
N ASP C 75 42.46 -17.75 8.96
CA ASP C 75 41.57 -17.30 7.89
C ASP C 75 40.36 -18.22 7.74
N MET C 76 39.48 -18.17 8.74
CA MET C 76 38.25 -18.96 8.75
C MET C 76 37.32 -18.74 7.54
N PRO C 77 37.00 -17.46 7.20
CA PRO C 77 36.02 -17.26 6.12
C PRO C 77 36.45 -17.87 4.79
N ASN C 78 37.76 -17.87 4.53
CA ASN C 78 38.26 -18.44 3.29
C ASN C 78 38.15 -19.97 3.28
N ALA C 79 38.50 -20.59 4.41
CA ALA C 79 38.47 -22.04 4.51
C ALA C 79 37.05 -22.60 4.42
N LEU C 80 36.07 -21.79 4.81
CA LEU C 80 34.69 -22.26 4.90
C LEU C 80 33.77 -21.59 3.89
N SER C 81 34.34 -20.91 2.91
CA SER C 81 33.56 -20.11 1.97
C SER C 81 32.48 -20.91 1.25
N ALA C 82 32.85 -22.08 0.75
CA ALA C 82 31.90 -22.95 0.04
C ALA C 82 30.79 -23.41 0.96
N LEU C 83 31.16 -23.82 2.17
CA LEU C 83 30.19 -24.29 3.15
C LEU C 83 29.28 -23.16 3.59
N SER C 84 29.81 -21.93 3.59
CA SER C 84 28.99 -20.78 3.92
C SER C 84 27.89 -20.60 2.88
N ASP C 85 28.27 -20.56 1.61
CA ASP C 85 27.31 -20.47 0.52
C ASP C 85 26.28 -21.60 0.65
N LEU C 86 26.76 -22.80 0.93
CA LEU C 86 25.90 -23.97 1.03
C LEU C 86 24.88 -23.87 2.16
N HIS C 87 25.33 -23.49 3.35
CA HIS C 87 24.42 -23.44 4.49
C HIS C 87 23.52 -22.20 4.44
N ALA C 88 24.07 -21.08 3.96
CA ALA C 88 23.32 -19.82 3.98
C ALA C 88 22.38 -19.64 2.80
N HIS C 89 22.67 -20.28 1.67
CA HIS C 89 21.91 -20.01 0.46
C HIS C 89 21.24 -21.23 -0.16
N LYS C 90 21.89 -22.39 -0.10
CA LYS C 90 21.31 -23.60 -0.66
C LYS C 90 20.39 -24.26 0.35
N LEU C 91 20.93 -24.55 1.53
CA LEU C 91 20.21 -25.27 2.56
C LEU C 91 19.31 -24.35 3.36
N ARG C 92 19.74 -23.10 3.52
CA ARG C 92 19.01 -22.09 4.28
C ARG C 92 18.73 -22.60 5.69
N VAL C 93 19.80 -22.85 6.43
CA VAL C 93 19.70 -23.26 7.83
C VAL C 93 19.44 -22.06 8.72
N ASP C 94 18.53 -22.24 9.69
CA ASP C 94 18.26 -21.23 10.70
C ASP C 94 19.56 -20.91 11.43
N PRO C 95 20.01 -19.64 11.36
CA PRO C 95 21.26 -19.25 12.03
C PRO C 95 21.27 -19.62 13.50
N VAL C 96 20.10 -19.55 14.15
CA VAL C 96 20.04 -19.85 15.58
C VAL C 96 20.28 -21.34 15.89
N ASN C 97 20.12 -22.20 14.88
CA ASN C 97 20.32 -23.62 15.07
C ASN C 97 21.81 -24.02 15.13
N PHE C 98 22.69 -23.10 14.76
CA PHE C 98 24.12 -23.40 14.81
C PHE C 98 24.57 -23.55 16.26
N LYS C 99 23.91 -22.82 17.15
CA LYS C 99 24.20 -22.93 18.57
C LYS C 99 23.93 -24.35 19.08
N LEU C 100 22.94 -25.02 18.49
CA LEU C 100 22.59 -26.37 18.90
C LEU C 100 23.69 -27.38 18.55
N LEU C 101 24.16 -27.34 17.31
CA LEU C 101 25.25 -28.27 16.95
C LEU C 101 26.53 -27.92 17.70
N SER C 102 26.79 -26.63 17.88
CA SER C 102 27.98 -26.21 18.63
C SER C 102 27.94 -26.78 20.04
N HIS C 103 26.79 -26.66 20.69
CA HIS C 103 26.62 -27.18 22.05
C HIS C 103 26.84 -28.69 22.07
N CYS C 104 26.28 -29.41 21.10
CA CYS C 104 26.42 -30.85 21.09
C CYS C 104 27.85 -31.30 20.79
N LEU C 105 28.57 -30.51 20.00
CA LEU C 105 29.99 -30.76 19.78
C LEU C 105 30.77 -30.60 21.07
N LEU C 106 30.49 -29.54 21.84
CA LEU C 106 31.19 -29.32 23.09
C LEU C 106 30.93 -30.44 24.08
N VAL C 107 29.66 -30.86 24.16
CA VAL C 107 29.29 -31.96 25.06
C VAL C 107 30.03 -33.23 24.69
N THR C 108 30.12 -33.51 23.39
CA THR C 108 30.84 -34.69 22.91
C THR C 108 32.32 -34.63 23.30
N LEU C 109 32.95 -33.49 23.04
CA LEU C 109 34.37 -33.32 23.39
C LEU C 109 34.59 -33.45 24.89
N ALA C 110 33.67 -32.89 25.69
CA ALA C 110 33.78 -33.00 27.13
C ALA C 110 33.68 -34.45 27.59
N ALA C 111 32.78 -35.19 26.95
CA ALA C 111 32.55 -36.58 27.33
C ALA C 111 33.72 -37.50 27.00
N HIS C 112 34.54 -37.10 26.04
CA HIS C 112 35.66 -37.94 25.61
C HIS C 112 37.02 -37.46 26.12
N LEU C 113 37.14 -36.15 26.31
CA LEU C 113 38.42 -35.57 26.71
C LEU C 113 38.30 -34.75 28.00
N PRO C 114 37.94 -35.41 29.12
CA PRO C 114 37.68 -34.64 30.34
C PRO C 114 38.91 -33.92 30.89
N ALA C 115 40.10 -34.50 30.68
CA ALA C 115 41.33 -33.89 31.16
C ALA C 115 41.70 -32.64 30.37
N GLU C 116 41.30 -32.63 29.10
CA GLU C 116 41.68 -31.57 28.19
C GLU C 116 40.70 -30.41 28.26
N PHE C 117 39.48 -30.70 28.69
CA PHE C 117 38.38 -29.74 28.62
C PHE C 117 38.35 -28.82 29.83
N THR C 118 39.44 -28.10 30.04
CA THR C 118 39.53 -27.11 31.11
C THR C 118 38.61 -25.93 30.80
N PRO C 119 38.30 -25.09 31.81
CA PRO C 119 37.51 -23.89 31.52
C PRO C 119 38.11 -22.99 30.43
N ALA C 120 39.42 -22.86 30.39
CA ALA C 120 40.06 -22.05 29.35
C ALA C 120 39.88 -22.68 27.97
N VAL C 121 40.09 -23.98 27.88
CA VAL C 121 39.94 -24.68 26.61
C VAL C 121 38.49 -24.64 26.17
N HIS C 122 37.59 -24.78 27.14
CA HIS C 122 36.15 -24.70 26.91
C HIS C 122 35.82 -23.37 26.24
N ALA C 123 36.34 -22.29 26.81
CA ALA C 123 36.10 -20.95 26.30
C ALA C 123 36.64 -20.79 24.89
N SER C 124 37.86 -21.31 24.68
CA SER C 124 38.49 -21.22 23.35
C SER C 124 37.69 -21.99 22.30
N LEU C 125 37.22 -23.18 22.65
CA LEU C 125 36.44 -24.00 21.74
C LEU C 125 35.08 -23.36 21.43
N ASP C 126 34.45 -22.78 22.45
CA ASP C 126 33.16 -22.11 22.23
C ASP C 126 33.32 -20.92 21.30
N LYS C 127 34.36 -20.11 21.52
CA LYS C 127 34.63 -18.98 20.65
C LYS C 127 34.87 -19.44 19.23
N PHE C 128 35.61 -20.55 19.11
CA PHE C 128 35.97 -21.10 17.81
C PHE C 128 34.72 -21.54 17.08
N LEU C 129 33.84 -22.26 17.78
CA LEU C 129 32.64 -22.76 17.13
C LEU C 129 31.66 -21.62 16.85
N ALA C 130 31.64 -20.61 17.70
CA ALA C 130 30.76 -19.46 17.49
C ALA C 130 31.17 -18.72 16.22
N SER C 131 32.47 -18.64 15.97
CA SER C 131 32.97 -17.99 14.77
C SER C 131 32.76 -18.85 13.52
N VAL C 132 32.96 -20.16 13.64
CA VAL C 132 32.64 -21.07 12.55
C VAL C 132 31.19 -20.87 12.15
N SER C 133 30.33 -20.78 13.16
CA SER C 133 28.90 -20.56 12.94
C SER C 133 28.59 -19.25 12.23
N THR C 134 29.19 -18.14 12.67
CA THR C 134 28.90 -16.86 12.03
C THR C 134 29.47 -16.81 10.62
N VAL C 135 30.59 -17.48 10.39
CA VAL C 135 31.16 -17.55 9.04
C VAL C 135 30.21 -18.33 8.14
N LEU C 136 29.64 -19.40 8.68
CA LEU C 136 28.73 -20.23 7.90
C LEU C 136 27.39 -19.56 7.60
N THR C 137 26.91 -18.70 8.49
CA THR C 137 25.62 -18.05 8.27
C THR C 137 25.74 -16.73 7.51
N SER C 138 26.90 -16.07 7.61
CA SER C 138 26.99 -14.70 7.13
C SER C 138 28.38 -14.25 6.70
N LYS C 139 29.34 -15.18 6.64
CA LYS C 139 30.71 -14.85 6.25
C LYS C 139 31.32 -13.72 7.10
N TYR C 140 30.95 -13.69 8.38
CA TYR C 140 31.56 -12.77 9.34
C TYR C 140 32.28 -13.56 10.41
N ARG C 141 33.45 -13.05 10.83
CA ARG C 141 34.14 -13.60 11.99
C ARG C 141 33.38 -13.28 13.27
N VAL D 1 5.38 -28.80 33.19
CA VAL D 1 6.41 -29.67 32.64
C VAL D 1 5.84 -31.06 32.33
N HIS D 2 6.44 -31.75 31.35
CA HIS D 2 5.98 -33.07 30.93
C HIS D 2 7.10 -34.10 30.96
N PHE D 3 7.89 -34.11 32.04
CA PHE D 3 8.96 -35.10 32.21
C PHE D 3 8.41 -36.51 32.05
N THR D 4 9.05 -37.33 31.22
CA THR D 4 8.63 -38.72 31.14
C THR D 4 9.12 -39.47 32.39
N GLU D 5 8.58 -40.66 32.62
CA GLU D 5 9.03 -41.51 33.72
C GLU D 5 10.53 -41.71 33.65
N GLU D 6 11.03 -42.02 32.46
CA GLU D 6 12.45 -42.26 32.25
C GLU D 6 13.29 -41.02 32.52
N ASP D 7 12.83 -39.86 32.04
CA ASP D 7 13.51 -38.59 32.31
C ASP D 7 13.72 -38.39 33.79
N LYS D 8 12.67 -38.61 34.58
CA LYS D 8 12.75 -38.39 36.02
C LYS D 8 13.74 -39.36 36.66
N ALA D 9 13.70 -40.63 36.25
CA ALA D 9 14.63 -41.61 36.80
C ALA D 9 16.07 -41.24 36.46
N THR D 10 16.30 -40.82 35.21
CA THR D 10 17.64 -40.50 34.75
C THR D 10 18.22 -39.30 35.48
N ILE D 11 17.40 -38.28 35.65
CA ILE D 11 17.85 -37.07 36.31
C ILE D 11 18.15 -37.32 37.79
N THR D 12 17.25 -38.03 38.46
CA THR D 12 17.43 -38.35 39.87
C THR D 12 18.67 -39.22 40.10
N SER D 13 18.81 -40.26 39.29
CA SER D 13 19.94 -41.18 39.41
C SER D 13 21.29 -40.49 39.22
N LEU D 14 21.42 -39.74 38.13
CA LEU D 14 22.69 -39.10 37.82
C LEU D 14 23.05 -38.06 38.88
N TRP D 15 22.04 -37.33 39.35
CA TRP D 15 22.31 -36.30 40.35
C TRP D 15 22.92 -36.88 41.64
N GLY D 16 22.50 -38.08 42.02
CA GLY D 16 23.03 -38.70 43.22
C GLY D 16 24.52 -38.97 43.15
N LYS D 17 25.07 -38.96 41.95
CA LYS D 17 26.49 -39.25 41.73
C LYS D 17 27.33 -37.99 41.56
N VAL D 18 26.66 -36.84 41.55
CA VAL D 18 27.34 -35.59 41.25
C VAL D 18 28.15 -35.08 42.43
N ASN D 19 29.38 -34.65 42.15
CA ASN D 19 30.23 -33.95 43.10
C ASN D 19 29.80 -32.48 43.12
N VAL D 20 28.85 -32.12 43.98
CA VAL D 20 28.26 -30.78 43.94
C VAL D 20 29.27 -29.69 44.33
N GLU D 21 30.13 -30.01 45.28
CA GLU D 21 31.20 -29.11 45.72
C GLU D 21 32.11 -28.70 44.56
N ASP D 22 32.33 -29.61 43.62
CA ASP D 22 33.18 -29.32 42.46
C ASP D 22 32.41 -28.78 41.26
N ALA D 23 31.27 -29.39 40.94
CA ALA D 23 30.53 -29.04 39.73
C ALA D 23 29.88 -27.65 39.85
N GLY D 24 29.62 -27.21 41.08
CA GLY D 24 29.01 -25.91 41.30
C GLY D 24 29.89 -24.78 40.81
N GLY D 25 31.13 -24.74 41.32
CA GLY D 25 32.05 -23.69 40.94
C GLY D 25 32.46 -23.83 39.49
N GLU D 26 32.52 -25.07 39.03
CA GLU D 26 32.86 -25.36 37.64
C GLU D 26 31.81 -24.75 36.71
N THR D 27 30.54 -24.95 37.05
CA THR D 27 29.44 -24.48 36.22
C THR D 27 29.38 -22.95 36.16
N LEU D 28 29.34 -22.29 37.31
CA LEU D 28 29.26 -20.83 37.31
C LEU D 28 30.52 -20.18 36.74
N GLY D 29 31.67 -20.70 37.12
CA GLY D 29 32.94 -20.20 36.59
C GLY D 29 32.96 -20.28 35.08
N ARG D 30 32.60 -21.44 34.54
CA ARG D 30 32.60 -21.58 33.08
C ARG D 30 31.59 -20.64 32.41
N LEU D 31 30.44 -20.41 33.03
CA LEU D 31 29.47 -19.50 32.45
C LEU D 31 30.08 -18.12 32.33
N LEU D 32 30.75 -17.69 33.40
CA LEU D 32 31.36 -16.36 33.44
C LEU D 32 32.48 -16.22 32.43
N VAL D 33 33.26 -17.28 32.22
CA VAL D 33 34.37 -17.24 31.26
C VAL D 33 33.90 -17.26 29.82
N VAL D 34 32.94 -18.13 29.52
CA VAL D 34 32.48 -18.38 28.16
C VAL D 34 31.51 -17.29 27.65
N TYR D 35 30.68 -16.77 28.55
CA TYR D 35 29.70 -15.76 28.18
C TYR D 35 29.90 -14.49 29.00
N PRO D 36 30.88 -13.67 28.60
CA PRO D 36 31.40 -12.59 29.46
C PRO D 36 30.37 -11.55 29.87
N TRP D 37 29.30 -11.41 29.10
CA TRP D 37 28.28 -10.42 29.45
C TRP D 37 27.58 -10.78 30.75
N THR D 38 27.59 -12.07 31.10
CA THR D 38 26.96 -12.50 32.34
C THR D 38 27.68 -11.94 33.58
N GLN D 39 28.90 -11.45 33.39
CA GLN D 39 29.67 -10.87 34.47
C GLN D 39 29.02 -9.59 34.99
N ARG D 40 28.15 -9.00 34.16
CA ARG D 40 27.49 -7.74 34.47
C ARG D 40 26.69 -7.86 35.77
N PHE D 41 26.24 -9.06 36.06
CA PHE D 41 25.40 -9.31 37.23
C PHE D 41 26.21 -9.62 38.48
N PHE D 42 27.51 -9.78 38.34
CA PHE D 42 28.35 -10.18 39.46
C PHE D 42 29.46 -9.19 39.79
N ASP D 43 29.13 -7.89 39.75
CA ASP D 43 30.09 -6.82 40.01
C ASP D 43 30.86 -7.02 41.31
N SER D 44 30.14 -7.35 42.37
CA SER D 44 30.71 -7.43 43.70
C SER D 44 31.63 -8.64 43.93
N PHE D 45 31.75 -9.52 42.93
CA PHE D 45 32.50 -10.76 43.13
C PHE D 45 34.01 -10.60 42.98
N GLY D 46 34.45 -9.45 42.46
CA GLY D 46 35.86 -9.16 42.33
C GLY D 46 36.41 -9.40 40.93
N ASN D 47 37.68 -9.80 40.85
CA ASN D 47 38.34 -9.99 39.58
C ASN D 47 37.76 -11.17 38.80
N LEU D 48 37.14 -10.88 37.65
CA LEU D 48 36.57 -11.89 36.78
C LEU D 48 37.16 -11.80 35.37
N SER D 49 38.40 -11.33 35.28
CA SER D 49 38.98 -10.92 34.00
C SER D 49 39.51 -12.04 33.12
N SER D 50 39.64 -13.24 33.67
CA SER D 50 40.19 -14.36 32.92
C SER D 50 39.79 -15.67 33.55
N ALA D 51 40.02 -16.77 32.83
CA ALA D 51 39.70 -18.09 33.35
C ALA D 51 40.40 -18.31 34.69
N SER D 52 41.69 -18.00 34.74
CA SER D 52 42.47 -18.16 35.97
C SER D 52 41.87 -17.36 37.12
N ALA D 53 41.58 -16.09 36.87
CA ALA D 53 41.00 -15.22 37.89
C ALA D 53 39.61 -15.71 38.34
N ILE D 54 38.80 -16.13 37.39
CA ILE D 54 37.44 -16.58 37.67
C ILE D 54 37.44 -17.92 38.42
N MET D 55 38.28 -18.85 38.00
CA MET D 55 38.24 -20.19 38.56
C MET D 55 38.90 -20.31 39.93
N GLY D 56 39.66 -19.30 40.34
CA GLY D 56 40.24 -19.29 41.67
C GLY D 56 39.52 -18.35 42.60
N ASN D 57 38.46 -17.71 42.09
CA ASN D 57 37.69 -16.75 42.86
C ASN D 57 36.77 -17.45 43.86
N PRO D 58 37.00 -17.21 45.16
CA PRO D 58 36.23 -17.85 46.23
C PRO D 58 34.72 -17.57 46.15
N LYS D 59 34.35 -16.34 45.80
CA LYS D 59 32.94 -15.97 45.72
C LYS D 59 32.20 -16.70 44.60
N VAL D 60 32.88 -16.88 43.46
CA VAL D 60 32.30 -17.62 42.34
C VAL D 60 32.06 -19.07 42.73
N LYS D 61 33.02 -19.66 43.44
CA LYS D 61 32.92 -21.06 43.80
C LYS D 61 31.78 -21.25 44.78
N ALA D 62 31.73 -20.38 45.78
CA ALA D 62 30.69 -20.45 46.80
C ALA D 62 29.30 -20.25 46.18
N HIS D 63 29.18 -19.29 45.27
CA HIS D 63 27.89 -19.05 44.64
C HIS D 63 27.46 -20.17 43.70
N GLY D 64 28.41 -20.77 43.01
CA GLY D 64 28.12 -21.88 42.12
C GLY D 64 27.54 -23.06 42.89
N LYS D 65 28.05 -23.26 44.10
CA LYS D 65 27.53 -24.30 44.98
C LYS D 65 26.06 -24.06 45.28
N LYS D 66 25.71 -22.82 45.62
CA LYS D 66 24.32 -22.48 45.93
C LYS D 66 23.41 -22.74 44.74
N VAL D 67 23.89 -22.42 43.54
CA VAL D 67 23.12 -22.66 42.33
C VAL D 67 22.83 -24.16 42.15
N LEU D 68 23.86 -24.98 42.25
CA LEU D 68 23.67 -26.41 42.06
C LEU D 68 22.93 -27.07 43.22
N THR D 69 23.07 -26.50 44.42
CA THR D 69 22.29 -26.97 45.56
C THR D 69 20.80 -26.73 45.31
N SER D 70 20.47 -25.59 44.73
CA SER D 70 19.09 -25.27 44.37
C SER D 70 18.58 -26.24 43.32
N LEU D 71 19.43 -26.61 42.37
CA LEU D 71 19.03 -27.59 41.37
C LEU D 71 18.76 -28.94 42.02
N GLY D 72 19.61 -29.33 42.97
CA GLY D 72 19.42 -30.59 43.66
C GLY D 72 18.10 -30.62 44.42
N ASP D 73 17.72 -29.49 45.00
CA ASP D 73 16.46 -29.40 45.71
C ASP D 73 15.27 -29.51 44.75
N ALA D 74 15.40 -28.91 43.57
CA ALA D 74 14.36 -29.00 42.54
C ALA D 74 14.18 -30.45 42.06
N ILE D 75 15.29 -31.18 42.04
CA ILE D 75 15.29 -32.57 41.61
C ILE D 75 14.50 -33.46 42.57
N LYS D 76 14.31 -33.00 43.81
CA LYS D 76 13.52 -33.76 44.76
C LYS D 76 12.03 -33.74 44.39
N HIS D 77 11.64 -32.80 43.53
CA HIS D 77 10.23 -32.68 43.13
C HIS D 77 10.10 -32.21 41.68
N LEU D 78 10.41 -33.10 40.74
CA LEU D 78 10.50 -32.73 39.33
C LEU D 78 9.16 -32.40 38.68
N ASP D 79 8.07 -32.81 39.33
CA ASP D 79 6.73 -32.49 38.82
C ASP D 79 6.34 -31.06 39.18
N ASP D 80 7.21 -30.39 39.93
CA ASP D 80 6.88 -29.09 40.50
C ASP D 80 7.98 -28.05 40.35
N LEU D 81 8.65 -28.03 39.20
CA LEU D 81 9.72 -27.05 38.98
C LEU D 81 9.25 -25.60 39.17
N LYS D 82 8.07 -25.28 38.64
CA LYS D 82 7.58 -23.92 38.73
C LYS D 82 7.47 -23.44 40.17
N GLY D 83 6.87 -24.26 41.02
CA GLY D 83 6.78 -23.95 42.44
C GLY D 83 8.14 -23.80 43.12
N THR D 84 9.04 -24.74 42.86
CA THR D 84 10.36 -24.69 43.47
C THR D 84 11.08 -23.39 43.13
N PHE D 85 10.91 -22.92 41.89
CA PHE D 85 11.65 -21.76 41.44
C PHE D 85 10.86 -20.44 41.48
N ALA D 86 9.67 -20.47 42.06
CA ALA D 86 8.80 -19.29 42.06
C ALA D 86 9.45 -18.07 42.71
N GLN D 87 10.04 -18.25 43.89
CA GLN D 87 10.69 -17.14 44.59
C GLN D 87 11.99 -16.75 43.90
N LEU D 88 12.72 -17.74 43.39
CA LEU D 88 13.93 -17.47 42.62
C LEU D 88 13.62 -16.72 41.33
N SER D 89 12.43 -16.97 40.76
CA SER D 89 12.04 -16.26 39.55
C SER D 89 11.85 -14.77 39.85
N GLU D 90 11.21 -14.47 40.97
CA GLU D 90 11.00 -13.09 41.38
C GLU D 90 12.35 -12.38 41.55
N LEU D 91 13.31 -13.08 42.14
CA LEU D 91 14.65 -12.55 42.30
C LEU D 91 15.36 -12.27 40.97
N HIS D 92 15.43 -13.29 40.11
CA HIS D 92 16.16 -13.17 38.86
C HIS D 92 15.47 -12.25 37.85
N CYS D 93 14.14 -12.20 37.90
CA CYS D 93 13.38 -11.41 36.92
C CYS D 93 13.08 -10.01 37.41
N ASP D 94 12.34 -9.91 38.52
CA ASP D 94 11.88 -8.61 39.00
C ASP D 94 13.02 -7.76 39.57
N LYS D 95 13.99 -8.41 40.19
CA LYS D 95 15.07 -7.67 40.83
C LYS D 95 16.33 -7.53 39.98
N LEU D 96 16.84 -8.64 39.44
CA LEU D 96 18.10 -8.62 38.70
C LEU D 96 17.94 -8.35 37.19
N HIS D 97 16.75 -8.60 36.67
CA HIS D 97 16.48 -8.41 35.24
C HIS D 97 17.44 -9.18 34.33
N VAL D 98 17.71 -10.43 34.66
CA VAL D 98 18.52 -11.30 33.82
C VAL D 98 17.67 -11.75 32.63
N ASP D 99 18.18 -11.67 31.40
CA ASP D 99 17.41 -12.20 30.27
C ASP D 99 17.30 -13.73 30.39
N PRO D 100 16.10 -14.26 30.12
CA PRO D 100 15.82 -15.71 30.22
C PRO D 100 16.75 -16.58 29.39
N GLU D 101 17.30 -16.04 28.31
CA GLU D 101 18.22 -16.81 27.49
C GLU D 101 19.39 -17.30 28.32
N ASN D 102 19.79 -16.50 29.30
CA ASN D 102 20.92 -16.87 30.15
C ASN D 102 20.67 -18.05 31.09
N PHE D 103 19.42 -18.27 31.48
CA PHE D 103 19.06 -19.46 32.26
C PHE D 103 19.37 -20.71 31.44
N LYS D 104 19.02 -20.66 30.16
CA LYS D 104 19.35 -21.74 29.25
C LYS D 104 20.85 -21.91 29.09
N LEU D 105 21.58 -20.80 29.04
CA LEU D 105 23.04 -20.89 28.90
C LEU D 105 23.68 -21.57 30.10
N LEU D 106 23.24 -21.21 31.30
CA LEU D 106 23.81 -21.82 32.51
C LEU D 106 23.51 -23.32 32.51
N GLY D 107 22.28 -23.67 32.11
CA GLY D 107 21.88 -25.07 32.06
C GLY D 107 22.72 -25.86 31.07
N ASN D 108 23.00 -25.26 29.92
CA ASN D 108 23.84 -25.90 28.92
C ASN D 108 25.28 -26.05 29.41
N VAL D 109 25.77 -25.08 30.18
CA VAL D 109 27.10 -25.23 30.75
C VAL D 109 27.10 -26.38 31.76
N LEU D 110 26.06 -26.47 32.56
CA LEU D 110 25.96 -27.58 33.52
C LEU D 110 25.98 -28.91 32.78
N VAL D 111 25.27 -28.98 31.67
CA VAL D 111 25.28 -30.17 30.83
C VAL D 111 26.69 -30.52 30.38
N THR D 112 27.47 -29.52 29.97
CA THR D 112 28.86 -29.82 29.60
C THR D 112 29.69 -30.31 30.78
N VAL D 113 29.43 -29.78 31.97
CA VAL D 113 30.15 -30.19 33.17
C VAL D 113 29.79 -31.62 33.62
N LEU D 114 28.54 -31.99 33.41
CA LEU D 114 28.10 -33.36 33.64
C LEU D 114 28.80 -34.31 32.67
N ALA D 115 28.99 -33.85 31.43
CA ALA D 115 29.68 -34.66 30.43
C ALA D 115 31.14 -34.90 30.80
N ILE D 116 31.81 -33.86 31.31
CA ILE D 116 33.18 -34.02 31.81
C ILE D 116 33.24 -35.10 32.89
N HIS D 117 32.31 -35.02 33.83
CA HIS D 117 32.34 -35.87 35.00
C HIS D 117 31.91 -37.31 34.71
N PHE D 118 30.95 -37.48 33.81
CA PHE D 118 30.39 -38.82 33.57
C PHE D 118 30.90 -39.53 32.33
N GLY D 119 31.49 -38.78 31.41
CA GLY D 119 32.12 -39.42 30.27
C GLY D 119 31.13 -40.21 29.44
N LYS D 120 31.46 -41.45 29.10
CA LYS D 120 30.59 -42.23 28.22
C LYS D 120 29.24 -42.57 28.83
N GLU D 121 29.11 -42.40 30.14
CA GLU D 121 27.84 -42.64 30.81
C GLU D 121 26.83 -41.55 30.48
N PHE D 122 27.34 -40.40 30.04
CA PHE D 122 26.49 -39.29 29.65
C PHE D 122 26.09 -39.45 28.18
N THR D 123 25.27 -40.46 27.93
CA THR D 123 24.88 -40.86 26.58
C THR D 123 24.01 -39.79 25.90
N PRO D 124 23.82 -39.88 24.58
CA PRO D 124 22.89 -38.94 23.94
C PRO D 124 21.48 -39.01 24.54
N GLU D 125 21.05 -40.20 24.95
CA GLU D 125 19.73 -40.34 25.60
C GLU D 125 19.70 -39.67 26.97
N VAL D 126 20.76 -39.86 27.75
CA VAL D 126 20.86 -39.25 29.08
C VAL D 126 20.90 -37.73 28.91
N GLN D 127 21.65 -37.26 27.93
CA GLN D 127 21.69 -35.83 27.65
C GLN D 127 20.31 -35.27 27.36
N ALA D 128 19.53 -35.97 26.52
CA ALA D 128 18.22 -35.48 26.13
C ALA D 128 17.32 -35.27 27.36
N SER D 129 17.42 -36.15 28.34
CA SER D 129 16.68 -35.97 29.58
C SER D 129 17.16 -34.72 30.30
N TRP D 130 18.47 -34.51 30.35
CA TRP D 130 19.01 -33.31 30.99
C TRP D 130 18.70 -32.03 30.23
N GLN D 131 18.57 -32.11 28.91
CA GLN D 131 18.18 -30.91 28.16
C GLN D 131 16.74 -30.52 28.47
N LYS D 132 15.89 -31.51 28.74
CA LYS D 132 14.53 -31.20 29.17
C LYS D 132 14.56 -30.50 30.53
N MET D 133 15.43 -30.98 31.42
CA MET D 133 15.62 -30.33 32.72
C MET D 133 16.07 -28.88 32.53
N VAL D 134 17.04 -28.65 31.64
CA VAL D 134 17.52 -27.29 31.34
C VAL D 134 16.36 -26.39 30.88
N THR D 135 15.58 -26.91 29.95
CA THR D 135 14.46 -26.14 29.43
C THR D 135 13.41 -25.91 30.52
N GLY D 136 13.16 -26.93 31.33
CA GLY D 136 12.18 -26.81 32.40
C GLY D 136 12.59 -25.81 33.47
N VAL D 137 13.85 -25.88 33.87
CA VAL D 137 14.39 -24.94 34.86
C VAL D 137 14.32 -23.51 34.32
N ALA D 138 14.73 -23.33 33.06
CA ALA D 138 14.67 -22.01 32.44
C ALA D 138 13.24 -21.47 32.40
N SER D 139 12.29 -22.32 32.04
CA SER D 139 10.90 -21.89 31.97
C SER D 139 10.37 -21.52 33.36
N ALA D 140 10.70 -22.33 34.36
CA ALA D 140 10.30 -22.06 35.74
C ALA D 140 10.87 -20.74 36.25
N LEU D 141 12.15 -20.51 35.97
CA LEU D 141 12.81 -19.26 36.38
C LEU D 141 12.28 -18.05 35.61
N SER D 142 11.71 -18.28 34.43
CA SER D 142 11.22 -17.20 33.58
C SER D 142 9.80 -16.83 33.90
N SER D 143 9.21 -17.58 34.83
CA SER D 143 7.78 -17.47 35.11
C SER D 143 7.29 -16.06 35.40
N ARG D 144 8.10 -15.27 36.11
CA ARG D 144 7.69 -13.91 36.50
C ARG D 144 7.68 -12.91 35.34
N TYR D 145 8.42 -13.21 34.28
CA TYR D 145 8.50 -12.31 33.13
C TYR D 145 7.21 -12.28 32.31
N HIS D 146 7.35 -12.57 31.02
CA HIS D 146 6.23 -12.70 30.08
C HIS D 146 5.52 -11.36 29.87
N VAL E 1 -9.72 24.52 -35.00
CA VAL E 1 -9.65 24.14 -36.41
C VAL E 1 -10.94 24.47 -37.15
N LEU E 2 -10.87 25.46 -38.03
CA LEU E 2 -12.03 25.86 -38.83
C LEU E 2 -11.76 25.65 -40.32
N SER E 3 -12.82 25.73 -41.13
CA SER E 3 -12.71 25.56 -42.57
C SER E 3 -13.17 26.84 -43.31
N PRO E 4 -12.90 26.93 -44.62
CA PRO E 4 -13.27 28.13 -45.40
C PRO E 4 -14.69 28.67 -45.20
N ALA E 5 -15.72 27.84 -45.43
CA ALA E 5 -17.09 28.30 -45.27
C ALA E 5 -17.36 28.71 -43.82
N ASP E 6 -16.77 27.98 -42.88
CA ASP E 6 -16.85 28.31 -41.45
C ASP E 6 -16.34 29.73 -41.17
N LYS E 7 -15.14 30.02 -41.64
CA LYS E 7 -14.53 31.32 -41.44
C LYS E 7 -15.38 32.39 -42.08
N THR E 8 -15.91 32.07 -43.26
CA THR E 8 -16.83 32.96 -43.96
C THR E 8 -18.09 33.18 -43.12
N ASN E 9 -18.67 32.10 -42.61
CA ASN E 9 -19.86 32.18 -41.77
C ASN E 9 -19.63 32.99 -40.50
N VAL E 10 -18.52 32.70 -39.83
CA VAL E 10 -18.21 33.38 -38.57
C VAL E 10 -17.99 34.88 -38.78
N LYS E 11 -17.21 35.23 -39.79
CA LYS E 11 -16.94 36.64 -40.09
C LYS E 11 -18.23 37.38 -40.39
N ALA E 12 -19.07 36.79 -41.24
CA ALA E 12 -20.33 37.41 -41.63
C ALA E 12 -21.25 37.63 -40.43
N ALA E 13 -21.39 36.59 -39.61
CA ALA E 13 -22.24 36.66 -38.42
C ALA E 13 -21.72 37.71 -37.45
N TRP E 14 -20.42 37.65 -37.17
CA TRP E 14 -19.81 38.60 -36.24
C TRP E 14 -19.79 40.02 -36.82
N GLY E 15 -19.91 40.12 -38.14
CA GLY E 15 -20.01 41.41 -38.79
C GLY E 15 -21.40 42.01 -38.64
N LYS E 16 -22.42 41.14 -38.68
CA LYS E 16 -23.80 41.57 -38.48
C LYS E 16 -24.04 41.92 -37.01
N VAL E 17 -23.26 41.30 -36.14
CA VAL E 17 -23.24 41.65 -34.72
C VAL E 17 -22.86 43.12 -34.60
N GLY E 18 -21.73 43.47 -35.20
CA GLY E 18 -21.37 44.85 -35.45
C GLY E 18 -21.18 45.77 -34.25
N ALA E 19 -21.94 46.87 -34.23
CA ALA E 19 -21.80 47.89 -33.19
C ALA E 19 -22.41 47.48 -31.85
N HIS E 20 -23.03 46.30 -31.82
CA HIS E 20 -23.66 45.81 -30.59
C HIS E 20 -22.86 44.67 -29.97
N ALA E 21 -21.63 44.49 -30.44
CA ALA E 21 -20.78 43.39 -29.97
C ALA E 21 -20.62 43.36 -28.46
N GLY E 22 -20.21 44.49 -27.88
CA GLY E 22 -20.05 44.61 -26.45
C GLY E 22 -21.35 44.40 -25.69
N GLU E 23 -22.44 44.91 -26.24
CA GLU E 23 -23.76 44.73 -25.65
C GLU E 23 -24.16 43.26 -25.64
N TYR E 24 -23.82 42.54 -26.70
CA TYR E 24 -24.09 41.11 -26.78
C TYR E 24 -23.20 40.35 -25.79
N GLY E 25 -21.97 40.83 -25.62
CA GLY E 25 -21.06 40.22 -24.66
C GLY E 25 -21.61 40.34 -23.25
N ALA E 26 -22.10 41.52 -22.91
CA ALA E 26 -22.69 41.75 -21.60
C ALA E 26 -23.96 40.92 -21.39
N GLU E 27 -24.77 40.80 -22.44
CA GLU E 27 -25.98 39.96 -22.38
C GLU E 27 -25.60 38.50 -22.17
N ALA E 28 -24.56 38.06 -22.88
CA ALA E 28 -24.12 36.67 -22.74
C ALA E 28 -23.67 36.41 -21.31
N LEU E 29 -22.93 37.35 -20.74
CA LEU E 29 -22.51 37.22 -19.34
C LEU E 29 -23.70 37.18 -18.40
N GLU E 30 -24.67 38.07 -18.61
CA GLU E 30 -25.86 38.09 -17.75
C GLU E 30 -26.60 36.76 -17.85
N ARG E 31 -26.75 36.27 -19.08
CA ARG E 31 -27.42 34.99 -19.30
C ARG E 31 -26.71 33.89 -18.53
N MET E 32 -25.38 33.89 -18.56
CA MET E 32 -24.60 32.86 -17.87
C MET E 32 -24.79 32.92 -16.35
N PHE E 33 -24.70 34.12 -15.79
CA PHE E 33 -24.83 34.30 -14.34
C PHE E 33 -26.19 33.83 -13.85
N LEU E 34 -27.23 34.05 -14.65
CA LEU E 34 -28.57 33.67 -14.24
C LEU E 34 -28.83 32.19 -14.45
N SER E 35 -28.38 31.66 -15.59
CA SER E 35 -28.64 30.26 -15.91
C SER E 35 -27.77 29.31 -15.10
N PHE E 36 -26.54 29.73 -14.82
CA PHE E 36 -25.54 28.90 -14.17
C PHE E 36 -24.90 29.70 -13.04
N PRO E 37 -25.63 29.86 -11.92
CA PRO E 37 -25.25 30.77 -10.83
C PRO E 37 -23.89 30.46 -10.21
N THR E 38 -23.39 29.24 -10.37
CA THR E 38 -22.07 28.92 -9.86
C THR E 38 -20.99 29.80 -10.47
N THR E 39 -21.24 30.30 -11.67
CA THR E 39 -20.24 31.14 -12.35
C THR E 39 -20.07 32.52 -11.71
N LYS E 40 -21.02 32.92 -10.86
CA LYS E 40 -20.98 34.25 -10.27
C LYS E 40 -19.82 34.43 -9.29
N THR E 41 -19.35 33.32 -8.74
CA THR E 41 -18.28 33.40 -7.74
C THR E 41 -16.92 33.80 -8.31
N TYR E 42 -16.77 33.71 -9.64
CA TYR E 42 -15.56 34.19 -10.29
C TYR E 42 -15.53 35.71 -10.33
N PHE E 43 -16.67 36.33 -10.04
CA PHE E 43 -16.80 37.78 -10.04
C PHE E 43 -17.32 38.30 -8.71
N PRO E 44 -16.61 38.01 -7.60
CA PRO E 44 -17.11 38.29 -6.24
C PRO E 44 -17.50 39.74 -6.00
N HIS E 45 -16.79 40.69 -6.59
CA HIS E 45 -17.03 42.08 -6.27
C HIS E 45 -17.46 42.87 -7.50
N PHE E 46 -18.14 42.18 -8.40
CA PHE E 46 -18.77 42.81 -9.54
C PHE E 46 -20.22 43.14 -9.22
N ASP E 47 -20.70 44.26 -9.75
CA ASP E 47 -22.13 44.50 -9.81
C ASP E 47 -22.68 43.60 -10.91
N LEU E 48 -23.53 42.64 -10.55
CA LEU E 48 -24.05 41.68 -11.51
C LEU E 48 -25.51 41.92 -11.88
N SER E 49 -26.07 43.03 -11.45
CA SER E 49 -27.45 43.28 -11.75
C SER E 49 -27.64 43.67 -13.20
N HIS E 50 -28.85 43.50 -13.66
CA HIS E 50 -29.16 43.84 -15.02
C HIS E 50 -28.74 45.25 -15.35
N GLY E 51 -28.01 45.42 -16.43
CA GLY E 51 -27.57 46.72 -16.84
C GLY E 51 -26.42 47.35 -16.10
N SER E 52 -25.75 46.60 -15.25
CA SER E 52 -24.61 47.08 -14.55
C SER E 52 -23.51 47.59 -15.44
N ALA E 53 -22.90 48.69 -15.04
CA ALA E 53 -21.84 49.28 -15.85
C ALA E 53 -20.62 48.36 -15.89
N GLN E 54 -20.38 47.65 -14.80
CA GLN E 54 -19.22 46.77 -14.70
C GLN E 54 -19.32 45.59 -15.65
N VAL E 55 -20.52 45.03 -15.78
CA VAL E 55 -20.73 43.92 -16.70
C VAL E 55 -20.72 44.43 -18.15
N LYS E 56 -21.27 45.61 -18.37
CA LYS E 56 -21.21 46.23 -19.70
C LYS E 56 -19.77 46.35 -20.15
N GLY E 57 -18.93 46.90 -19.27
CA GLY E 57 -17.53 47.11 -19.57
C GLY E 57 -16.86 45.77 -19.81
N HIS E 58 -17.23 44.77 -19.05
CA HIS E 58 -16.63 43.48 -19.22
C HIS E 58 -17.07 42.74 -20.50
N GLY E 59 -18.32 42.87 -20.84
CA GLY E 59 -18.86 42.38 -22.08
C GLY E 59 -18.10 42.93 -23.26
N LYS E 60 -17.65 44.17 -23.14
CA LYS E 60 -16.92 44.79 -24.20
C LYS E 60 -15.57 44.11 -24.33
N LYS E 61 -14.96 43.82 -23.21
CA LYS E 61 -13.67 43.15 -23.21
C LYS E 61 -13.77 41.77 -23.85
N VAL E 62 -14.82 41.04 -23.48
CA VAL E 62 -15.05 39.70 -24.02
C VAL E 62 -15.31 39.75 -25.52
N ALA E 63 -16.16 40.68 -25.93
CA ALA E 63 -16.49 40.86 -27.34
C ALA E 63 -15.24 41.25 -28.12
N ASP E 64 -14.45 42.16 -27.56
CA ASP E 64 -13.21 42.59 -28.19
C ASP E 64 -12.25 41.44 -28.45
N ALA E 65 -12.11 40.56 -27.45
CA ALA E 65 -11.22 39.42 -27.58
C ALA E 65 -11.72 38.46 -28.67
N LEU E 66 -13.04 38.32 -28.77
CA LEU E 66 -13.61 37.43 -29.77
C LEU E 66 -13.44 38.02 -31.16
N THR E 67 -13.58 39.34 -31.27
CA THR E 67 -13.34 40.03 -32.53
C THR E 67 -11.90 39.79 -32.98
N ASN E 68 -10.97 39.89 -32.04
CA ASN E 68 -9.56 39.64 -32.32
C ASN E 68 -9.36 38.18 -32.77
N ALA E 69 -10.05 37.27 -32.09
CA ALA E 69 -9.99 35.86 -32.44
C ALA E 69 -10.46 35.62 -33.86
N VAL E 70 -11.57 36.25 -34.24
CA VAL E 70 -12.07 36.14 -35.61
C VAL E 70 -11.04 36.65 -36.61
N ALA E 71 -10.37 37.76 -36.28
CA ALA E 71 -9.35 38.34 -37.15
C ALA E 71 -8.10 37.46 -37.26
N HIS E 72 -7.91 36.57 -36.28
CA HIS E 72 -6.74 35.70 -36.26
C HIS E 72 -7.14 34.23 -36.08
N VAL E 73 -8.16 33.81 -36.81
CA VAL E 73 -8.78 32.51 -36.58
C VAL E 73 -7.86 31.32 -36.90
N ASP E 74 -6.83 31.54 -37.69
CA ASP E 74 -5.87 30.49 -38.02
C ASP E 74 -4.63 30.54 -37.14
N ASP E 75 -4.60 31.52 -36.24
CA ASP E 75 -3.48 31.66 -35.30
C ASP E 75 -4.02 31.99 -33.91
N MET E 76 -5.11 31.33 -33.55
CA MET E 76 -5.76 31.55 -32.25
C MET E 76 -4.92 31.29 -31.00
N PRO E 77 -4.13 30.19 -30.99
CA PRO E 77 -3.29 29.96 -29.80
C PRO E 77 -2.37 31.13 -29.48
N ASN E 78 -1.82 31.77 -30.51
CA ASN E 78 -0.98 32.94 -30.29
C ASN E 78 -1.77 34.17 -29.89
N ALA E 79 -2.89 34.40 -30.58
CA ALA E 79 -3.70 35.58 -30.34
C ALA E 79 -4.29 35.62 -28.94
N LEU E 80 -4.66 34.45 -28.43
CA LEU E 80 -5.30 34.35 -27.12
C LEU E 80 -4.32 33.91 -26.02
N SER E 81 -3.03 33.99 -26.30
CA SER E 81 -2.01 33.48 -25.38
C SER E 81 -2.07 34.08 -23.96
N ALA E 82 -2.14 35.40 -23.87
CA ALA E 82 -2.20 36.06 -22.57
C ALA E 82 -3.47 35.68 -21.82
N LEU E 83 -4.58 35.60 -22.55
CA LEU E 83 -5.85 35.25 -21.94
C LEU E 83 -5.87 33.80 -21.46
N SER E 84 -5.14 32.93 -22.15
CA SER E 84 -5.08 31.53 -21.75
C SER E 84 -4.31 31.38 -20.43
N ASP E 85 -3.21 32.11 -20.29
CA ASP E 85 -2.47 32.13 -19.03
C ASP E 85 -3.34 32.69 -17.92
N LEU E 86 -4.04 33.78 -18.22
CA LEU E 86 -4.90 34.42 -17.24
C LEU E 86 -5.99 33.49 -16.72
N HIS E 87 -6.76 32.89 -17.63
CA HIS E 87 -7.92 32.12 -17.22
C HIS E 87 -7.55 30.81 -16.51
N ALA E 88 -6.43 30.21 -16.91
CA ALA E 88 -6.03 28.92 -16.35
C ALA E 88 -5.14 29.06 -15.13
N HIS E 89 -4.12 29.91 -15.23
CA HIS E 89 -3.14 30.04 -14.15
C HIS E 89 -3.58 30.98 -13.04
N LYS E 90 -4.14 32.13 -13.39
CA LYS E 90 -4.53 33.11 -12.39
C LYS E 90 -5.95 32.91 -11.88
N LEU E 91 -6.92 32.95 -12.78
CA LEU E 91 -8.33 32.89 -12.39
C LEU E 91 -8.75 31.46 -12.04
N ARG E 92 -8.04 30.48 -12.60
CA ARG E 92 -8.37 29.06 -12.43
C ARG E 92 -9.82 28.75 -12.74
N VAL E 93 -10.28 29.22 -13.90
CA VAL E 93 -11.64 28.96 -14.36
C VAL E 93 -11.82 27.49 -14.66
N ASP E 94 -12.84 26.90 -14.05
CA ASP E 94 -13.24 25.52 -14.32
C ASP E 94 -13.51 25.38 -15.82
N PRO E 95 -12.86 24.41 -16.49
CA PRO E 95 -13.04 24.21 -17.93
C PRO E 95 -14.50 24.10 -18.35
N VAL E 96 -15.35 23.54 -17.50
CA VAL E 96 -16.76 23.39 -17.85
C VAL E 96 -17.44 24.74 -18.13
N ASN E 97 -16.96 25.80 -17.49
CA ASN E 97 -17.59 27.11 -17.62
C ASN E 97 -17.43 27.73 -19.00
N PHE E 98 -16.42 27.29 -19.75
CA PHE E 98 -16.25 27.83 -21.10
C PHE E 98 -17.37 27.34 -22.01
N LYS E 99 -17.83 26.12 -21.78
CA LYS E 99 -18.96 25.57 -22.52
C LYS E 99 -20.21 26.36 -22.20
N LEU E 100 -20.35 26.74 -20.93
CA LEU E 100 -21.52 27.51 -20.49
C LEU E 100 -21.57 28.90 -21.13
N LEU E 101 -20.45 29.61 -21.11
CA LEU E 101 -20.42 30.95 -21.72
C LEU E 101 -20.61 30.86 -23.23
N SER E 102 -20.01 29.86 -23.86
CA SER E 102 -20.14 29.67 -25.30
C SER E 102 -21.63 29.52 -25.65
N HIS E 103 -22.32 28.68 -24.89
CA HIS E 103 -23.74 28.45 -25.10
C HIS E 103 -24.53 29.75 -24.97
N CYS E 104 -24.24 30.52 -23.94
CA CYS E 104 -24.94 31.79 -23.73
C CYS E 104 -24.66 32.81 -24.85
N LEU E 105 -23.46 32.76 -25.42
CA LEU E 105 -23.17 33.62 -26.55
C LEU E 105 -23.99 33.23 -27.77
N LEU E 106 -24.13 31.92 -27.99
CA LEU E 106 -24.93 31.44 -29.12
C LEU E 106 -26.39 31.83 -28.94
N VAL E 107 -26.88 31.73 -27.70
CA VAL E 107 -28.26 32.10 -27.41
C VAL E 107 -28.47 33.59 -27.67
N THR E 108 -27.49 34.38 -27.27
CA THR E 108 -27.56 35.83 -27.48
C THR E 108 -27.61 36.15 -28.97
N LEU E 109 -26.75 35.52 -29.75
CA LEU E 109 -26.74 35.74 -31.20
C LEU E 109 -28.07 35.31 -31.83
N ALA E 110 -28.57 34.15 -31.41
CA ALA E 110 -29.84 33.63 -31.92
C ALA E 110 -30.98 34.60 -31.62
N ALA E 111 -30.99 35.16 -30.41
CA ALA E 111 -32.07 36.08 -30.01
C ALA E 111 -32.05 37.43 -30.73
N HIS E 112 -30.89 37.78 -31.29
CA HIS E 112 -30.73 39.09 -31.95
C HIS E 112 -30.69 39.01 -33.48
N LEU E 113 -30.24 37.88 -34.00
CA LEU E 113 -30.01 37.75 -35.44
C LEU E 113 -30.66 36.49 -36.02
N PRO E 114 -31.99 36.38 -35.93
CA PRO E 114 -32.63 35.11 -36.31
C PRO E 114 -32.52 34.80 -37.80
N ALA E 115 -32.48 35.81 -38.65
CA ALA E 115 -32.33 35.56 -40.08
C ALA E 115 -30.94 35.00 -40.39
N GLU E 116 -29.93 35.47 -39.65
CA GLU E 116 -28.55 35.12 -39.93
C GLU E 116 -28.14 33.80 -39.29
N PHE E 117 -28.83 33.45 -38.21
CA PHE E 117 -28.46 32.28 -37.40
C PHE E 117 -28.98 30.98 -38.02
N THR E 118 -28.60 30.72 -39.26
CA THR E 118 -28.98 29.49 -39.95
C THR E 118 -28.30 28.29 -39.30
N PRO E 119 -28.77 27.06 -39.60
CA PRO E 119 -28.07 25.90 -39.05
C PRO E 119 -26.59 25.85 -39.41
N ALA E 120 -26.24 26.21 -40.63
CA ALA E 120 -24.83 26.22 -41.04
C ALA E 120 -24.01 27.24 -40.27
N VAL E 121 -24.56 28.44 -40.09
CA VAL E 121 -23.88 29.48 -39.32
C VAL E 121 -23.77 29.10 -37.85
N HIS E 122 -24.85 28.51 -37.32
CA HIS E 122 -24.89 28.00 -35.96
C HIS E 122 -23.73 27.02 -35.74
N ALA E 123 -23.59 26.07 -36.66
CA ALA E 123 -22.52 25.08 -36.56
C ALA E 123 -21.14 25.74 -36.57
N SER E 124 -20.95 26.68 -37.48
CA SER E 124 -19.67 27.37 -37.60
C SER E 124 -19.35 28.17 -36.34
N LEU E 125 -20.34 28.86 -35.80
CA LEU E 125 -20.12 29.65 -34.58
C LEU E 125 -19.80 28.75 -33.38
N ASP E 126 -20.47 27.61 -33.27
CA ASP E 126 -20.17 26.66 -32.20
C ASP E 126 -18.74 26.12 -32.28
N LYS E 127 -18.30 25.80 -33.49
CA LYS E 127 -16.92 25.34 -33.68
C LYS E 127 -15.92 26.42 -33.34
N PHE E 128 -16.21 27.65 -33.77
CA PHE E 128 -15.35 28.79 -33.46
C PHE E 128 -15.23 28.97 -31.95
N LEU E 129 -16.36 28.98 -31.25
CA LEU E 129 -16.35 29.16 -29.80
C LEU E 129 -15.72 27.99 -29.07
N ALA E 130 -15.85 26.80 -29.62
CA ALA E 130 -15.19 25.63 -29.04
C ALA E 130 -13.67 25.73 -29.21
N SER E 131 -13.22 26.30 -30.33
CA SER E 131 -11.81 26.50 -30.57
C SER E 131 -11.25 27.53 -29.62
N VAL E 132 -12.00 28.61 -29.41
CA VAL E 132 -11.61 29.63 -28.44
C VAL E 132 -11.45 29.00 -27.05
N SER E 133 -12.44 28.20 -26.67
CA SER E 133 -12.44 27.55 -25.36
C SER E 133 -11.26 26.60 -25.19
N THR E 134 -10.98 25.81 -26.21
CA THR E 134 -9.85 24.89 -26.17
C THR E 134 -8.54 25.64 -25.93
N VAL E 135 -8.35 26.75 -26.62
CA VAL E 135 -7.16 27.56 -26.41
C VAL E 135 -7.15 28.13 -24.99
N LEU E 136 -8.30 28.61 -24.54
CA LEU E 136 -8.36 29.24 -23.21
C LEU E 136 -8.12 28.23 -22.06
N THR E 137 -8.32 26.95 -22.34
CA THR E 137 -8.04 25.91 -21.35
C THR E 137 -6.69 25.21 -21.60
N SER E 138 -5.97 25.65 -22.61
CA SER E 138 -4.74 24.96 -23.03
C SER E 138 -3.66 24.87 -21.95
N LYS E 139 -3.63 25.84 -21.05
CA LYS E 139 -2.60 25.83 -20.00
C LYS E 139 -2.87 24.83 -18.87
N TYR E 140 -4.01 24.16 -18.92
CA TYR E 140 -4.28 23.06 -18.00
C TYR E 140 -3.61 21.79 -18.54
N ARG E 141 -3.22 21.83 -19.81
CA ARG E 141 -2.62 20.67 -20.48
C ARG E 141 -1.12 20.83 -20.73
N HIS F 2 -35.69 21.81 -8.43
CA HIS F 2 -37.04 21.34 -8.19
C HIS F 2 -38.02 22.04 -9.12
N PHE F 3 -37.53 23.07 -9.81
CA PHE F 3 -38.36 24.11 -10.44
C PHE F 3 -39.00 25.00 -9.37
N THR F 4 -38.76 26.30 -9.45
CA THR F 4 -39.57 27.25 -8.68
C THR F 4 -40.93 27.35 -9.37
N GLU F 5 -41.91 27.92 -8.68
CA GLU F 5 -43.21 28.15 -9.31
C GLU F 5 -43.03 29.06 -10.52
N GLU F 6 -42.17 30.06 -10.36
CA GLU F 6 -41.81 31.00 -11.41
C GLU F 6 -41.36 30.25 -12.66
N ASP F 7 -40.43 29.31 -12.48
CA ASP F 7 -39.92 28.52 -13.60
C ASP F 7 -41.04 27.80 -14.33
N LYS F 8 -41.91 27.13 -13.57
CA LYS F 8 -43.01 26.36 -14.15
C LYS F 8 -43.95 27.25 -14.94
N ALA F 9 -44.18 28.45 -14.42
CA ALA F 9 -45.02 29.44 -15.10
C ALA F 9 -44.40 29.85 -16.42
N THR F 10 -43.11 30.11 -16.40
CA THR F 10 -42.39 30.52 -17.61
C THR F 10 -42.35 29.42 -18.65
N ILE F 11 -42.02 28.22 -18.22
CA ILE F 11 -41.93 27.07 -19.11
C ILE F 11 -43.30 26.83 -19.75
N THR F 12 -44.33 26.80 -18.92
CA THR F 12 -45.68 26.56 -19.39
C THR F 12 -46.16 27.63 -20.37
N SER F 13 -45.89 28.88 -20.04
CA SER F 13 -46.32 30.00 -20.86
C SER F 13 -45.64 30.00 -22.23
N LEU F 14 -44.32 29.87 -22.24
CA LEU F 14 -43.60 29.95 -23.50
C LEU F 14 -43.99 28.76 -24.39
N TRP F 15 -44.14 27.59 -23.78
CA TRP F 15 -44.44 26.38 -24.53
C TRP F 15 -45.80 26.47 -25.22
N GLY F 16 -46.75 27.17 -24.59
CA GLY F 16 -48.04 27.38 -25.20
C GLY F 16 -47.98 28.12 -26.52
N LYS F 17 -46.88 28.84 -26.76
CA LYS F 17 -46.70 29.65 -27.95
C LYS F 17 -45.83 28.98 -29.01
N VAL F 18 -45.35 27.78 -28.72
CA VAL F 18 -44.45 27.06 -29.62
C VAL F 18 -45.23 26.20 -30.60
N ASN F 19 -44.86 26.23 -31.88
CA ASN F 19 -45.35 25.24 -32.81
C ASN F 19 -44.45 24.00 -32.75
N VAL F 20 -44.98 22.93 -32.19
CA VAL F 20 -44.18 21.76 -31.85
C VAL F 20 -43.56 21.13 -33.09
N GLU F 21 -44.33 21.02 -34.16
CA GLU F 21 -43.81 20.43 -35.40
C GLU F 21 -42.60 21.18 -35.97
N ASP F 22 -42.74 22.49 -36.14
CA ASP F 22 -41.65 23.29 -36.71
C ASP F 22 -40.42 23.32 -35.79
N ALA F 23 -40.64 23.60 -34.52
CA ALA F 23 -39.56 23.65 -33.56
C ALA F 23 -38.88 22.28 -33.39
N GLY F 24 -39.65 21.20 -33.53
CA GLY F 24 -39.08 19.87 -33.40
C GLY F 24 -38.12 19.54 -34.52
N GLY F 25 -38.54 19.82 -35.75
CA GLY F 25 -37.69 19.59 -36.90
C GLY F 25 -36.44 20.46 -36.85
N GLU F 26 -36.62 21.71 -36.44
CA GLU F 26 -35.51 22.66 -36.33
C GLU F 26 -34.50 22.18 -35.28
N THR F 27 -35.01 21.71 -34.13
CA THR F 27 -34.15 21.29 -33.03
C THR F 27 -33.35 20.04 -33.38
N LEU F 28 -34.03 19.01 -33.88
CA LEU F 28 -33.33 17.77 -34.17
C LEU F 28 -32.35 17.99 -35.33
N GLY F 29 -32.79 18.76 -36.32
CA GLY F 29 -31.95 19.06 -37.45
C GLY F 29 -30.67 19.76 -37.00
N ARG F 30 -30.82 20.77 -36.16
CA ARG F 30 -29.66 21.52 -35.70
C ARG F 30 -28.72 20.65 -34.88
N LEU F 31 -29.28 19.76 -34.06
CA LEU F 31 -28.44 18.82 -33.30
C LEU F 31 -27.53 18.01 -34.21
N LEU F 32 -28.09 17.46 -35.29
CA LEU F 32 -27.34 16.64 -36.24
C LEU F 32 -26.30 17.45 -37.02
N VAL F 33 -26.61 18.71 -37.31
CA VAL F 33 -25.69 19.55 -38.05
C VAL F 33 -24.55 20.04 -37.16
N VAL F 34 -24.90 20.48 -35.96
CA VAL F 34 -23.94 21.12 -35.07
C VAL F 34 -23.04 20.12 -34.36
N TYR F 35 -23.62 18.99 -33.98
CA TYR F 35 -22.90 17.94 -33.27
C TYR F 35 -22.97 16.64 -34.06
N PRO F 36 -22.14 16.53 -35.11
CA PRO F 36 -22.27 15.45 -36.10
C PRO F 36 -22.12 14.05 -35.52
N TRP F 37 -21.53 13.92 -34.34
CA TRP F 37 -21.40 12.58 -33.75
C TRP F 37 -22.75 11.96 -33.44
N THR F 38 -23.75 12.81 -33.22
CA THR F 38 -25.10 12.33 -32.93
C THR F 38 -25.76 11.64 -34.13
N GLN F 39 -25.25 11.90 -35.33
CA GLN F 39 -25.76 11.25 -36.55
C GLN F 39 -25.63 9.72 -36.49
N ARG F 40 -24.72 9.21 -35.65
CA ARG F 40 -24.48 7.76 -35.59
C ARG F 40 -25.67 6.98 -35.04
N PHE F 41 -26.54 7.65 -34.30
CA PHE F 41 -27.73 6.99 -33.78
C PHE F 41 -28.86 6.97 -34.80
N PHE F 42 -28.67 7.59 -35.95
CA PHE F 42 -29.74 7.74 -36.93
C PHE F 42 -29.36 7.20 -38.32
N ASP F 43 -28.71 6.04 -38.35
CA ASP F 43 -28.22 5.47 -39.59
C ASP F 43 -29.30 5.27 -40.65
N SER F 44 -30.52 4.96 -40.21
CA SER F 44 -31.58 4.62 -41.15
C SER F 44 -32.33 5.85 -41.69
N PHE F 45 -31.91 7.04 -41.28
CA PHE F 45 -32.63 8.26 -41.66
C PHE F 45 -32.27 8.78 -43.06
N GLY F 46 -31.33 8.15 -43.71
CA GLY F 46 -30.98 8.51 -45.07
C GLY F 46 -29.94 9.62 -45.21
N ASN F 47 -30.23 10.58 -46.08
CA ASN F 47 -29.27 11.63 -46.42
C ASN F 47 -29.05 12.63 -45.29
N LEU F 48 -27.89 12.54 -44.65
CA LEU F 48 -27.52 13.51 -43.62
C LEU F 48 -26.17 14.12 -43.96
N SER F 49 -25.84 14.12 -45.25
CA SER F 49 -24.50 14.48 -45.71
C SER F 49 -24.17 15.98 -45.70
N SER F 50 -25.17 16.82 -45.51
CA SER F 50 -24.95 18.27 -45.45
C SER F 50 -26.02 18.94 -44.62
N ALA F 51 -25.82 20.21 -44.30
CA ALA F 51 -26.80 20.94 -43.50
C ALA F 51 -28.14 21.02 -44.23
N SER F 52 -28.10 21.37 -45.51
CA SER F 52 -29.34 21.50 -46.29
C SER F 52 -30.05 20.16 -46.38
N ALA F 53 -29.29 19.09 -46.61
CA ALA F 53 -29.83 17.74 -46.66
C ALA F 53 -30.49 17.35 -45.34
N ILE F 54 -29.80 17.62 -44.23
CA ILE F 54 -30.32 17.26 -42.91
C ILE F 54 -31.60 18.03 -42.60
N MET F 55 -31.55 19.34 -42.81
CA MET F 55 -32.69 20.20 -42.46
C MET F 55 -33.94 19.90 -43.29
N GLY F 56 -33.74 19.41 -44.52
CA GLY F 56 -34.87 19.13 -45.40
C GLY F 56 -35.23 17.66 -45.45
N ASN F 57 -34.57 16.86 -44.62
CA ASN F 57 -34.82 15.43 -44.56
C ASN F 57 -36.15 15.16 -43.86
N PRO F 58 -37.13 14.57 -44.59
CA PRO F 58 -38.45 14.38 -43.99
C PRO F 58 -38.43 13.50 -42.75
N LYS F 59 -37.51 12.54 -42.70
CA LYS F 59 -37.39 11.65 -41.55
C LYS F 59 -36.92 12.42 -40.31
N VAL F 60 -35.99 13.34 -40.51
CA VAL F 60 -35.53 14.21 -39.43
C VAL F 60 -36.68 15.08 -38.90
N LYS F 61 -37.43 15.63 -39.84
CA LYS F 61 -38.54 16.47 -39.40
C LYS F 61 -39.59 15.65 -38.66
N ALA F 62 -39.93 14.50 -39.17
CA ALA F 62 -40.88 13.66 -38.50
C ALA F 62 -40.43 13.25 -37.09
N HIS F 63 -39.17 12.88 -36.97
CA HIS F 63 -38.66 12.52 -35.70
C HIS F 63 -38.65 13.71 -34.68
N GLY F 64 -38.21 14.87 -35.13
CA GLY F 64 -38.18 16.02 -34.26
C GLY F 64 -39.55 16.33 -33.71
N LYS F 65 -40.56 16.15 -34.55
CA LYS F 65 -41.95 16.30 -34.13
C LYS F 65 -42.24 15.38 -32.95
N LYS F 66 -41.87 14.10 -33.07
CA LYS F 66 -42.08 13.15 -31.98
C LYS F 66 -41.35 13.54 -30.70
N VAL F 67 -40.09 13.95 -30.83
CA VAL F 67 -39.28 14.34 -29.69
C VAL F 67 -39.90 15.50 -28.91
N LEU F 68 -40.21 16.60 -29.60
CA LEU F 68 -40.80 17.73 -28.92
C LEU F 68 -42.22 17.44 -28.42
N THR F 69 -42.93 16.53 -29.09
CA THR F 69 -44.23 16.12 -28.59
C THR F 69 -44.12 15.49 -27.19
N SER F 70 -43.11 14.65 -26.99
CA SER F 70 -42.89 14.03 -25.68
C SER F 70 -42.51 15.08 -24.64
N LEU F 71 -41.73 16.08 -25.06
CA LEU F 71 -41.38 17.15 -24.14
C LEU F 71 -42.63 17.92 -23.73
N GLY F 72 -43.53 18.14 -24.70
CA GLY F 72 -44.80 18.78 -24.42
C GLY F 72 -45.64 18.02 -23.41
N ASP F 73 -45.66 16.69 -23.53
CA ASP F 73 -46.41 15.89 -22.57
C ASP F 73 -45.79 16.01 -21.19
N ALA F 74 -44.47 16.09 -21.15
CA ALA F 74 -43.76 16.16 -19.88
C ALA F 74 -43.98 17.50 -19.19
N ILE F 75 -44.15 18.55 -19.99
CA ILE F 75 -44.39 19.89 -19.48
C ILE F 75 -45.71 19.98 -18.71
N LYS F 76 -46.63 19.07 -19.02
CA LYS F 76 -47.90 18.99 -18.28
C LYS F 76 -47.70 18.61 -16.82
N HIS F 77 -46.61 17.89 -16.51
CA HIS F 77 -46.35 17.49 -15.14
C HIS F 77 -44.88 17.72 -14.78
N LEU F 78 -44.54 18.99 -14.65
CA LEU F 78 -43.14 19.38 -14.43
C LEU F 78 -42.55 18.82 -13.14
N ASP F 79 -43.38 18.44 -12.18
CA ASP F 79 -42.87 17.92 -10.93
C ASP F 79 -42.59 16.42 -10.98
N ASP F 80 -42.92 15.77 -12.10
CA ASP F 80 -42.67 14.34 -12.24
C ASP F 80 -42.06 14.01 -13.61
N LEU F 81 -41.01 14.74 -13.96
CA LEU F 81 -40.27 14.46 -15.20
C LEU F 81 -39.72 13.04 -15.17
N LYS F 82 -39.22 12.63 -14.01
CA LYS F 82 -38.66 11.30 -13.83
C LYS F 82 -39.65 10.22 -14.27
N GLY F 83 -40.84 10.26 -13.67
CA GLY F 83 -41.86 9.26 -13.95
C GLY F 83 -42.37 9.34 -15.38
N THR F 84 -42.46 10.55 -15.91
CA THR F 84 -42.94 10.75 -17.27
C THR F 84 -41.98 10.13 -18.29
N PHE F 85 -40.69 10.30 -18.06
CA PHE F 85 -39.67 9.87 -19.01
C PHE F 85 -39.09 8.49 -18.72
N ALA F 86 -39.70 7.76 -17.80
CA ALA F 86 -39.16 6.46 -17.37
C ALA F 86 -38.96 5.48 -18.52
N GLN F 87 -39.98 5.29 -19.34
CA GLN F 87 -39.91 4.36 -20.46
C GLN F 87 -38.93 4.86 -21.52
N LEU F 88 -38.92 6.16 -21.74
CA LEU F 88 -37.98 6.75 -22.69
C LEU F 88 -36.54 6.61 -22.20
N SER F 89 -36.35 6.68 -20.89
CA SER F 89 -35.02 6.50 -20.32
C SER F 89 -34.49 5.09 -20.58
N GLU F 90 -35.33 4.10 -20.36
CA GLU F 90 -34.95 2.73 -20.67
C GLU F 90 -34.64 2.58 -22.15
N LEU F 91 -35.44 3.21 -22.99
CA LEU F 91 -35.21 3.13 -24.42
C LEU F 91 -33.86 3.73 -24.80
N HIS F 92 -33.62 4.96 -24.38
CA HIS F 92 -32.40 5.68 -24.75
C HIS F 92 -31.14 5.10 -24.11
N CYS F 93 -31.24 4.71 -22.84
CA CYS F 93 -30.08 4.20 -22.13
C CYS F 93 -29.86 2.70 -22.36
N ASP F 94 -30.81 1.89 -21.90
CA ASP F 94 -30.63 0.44 -21.95
C ASP F 94 -30.60 -0.15 -23.38
N LYS F 95 -31.30 0.49 -24.31
CA LYS F 95 -31.32 -0.02 -25.69
C LYS F 95 -30.41 0.76 -26.63
N LEU F 96 -30.59 2.07 -26.69
CA LEU F 96 -29.88 2.89 -27.66
C LEU F 96 -28.48 3.28 -27.18
N HIS F 97 -28.27 3.17 -25.87
CA HIS F 97 -27.03 3.63 -25.24
C HIS F 97 -26.58 5.01 -25.73
N VAL F 98 -27.49 5.97 -25.65
CA VAL F 98 -27.17 7.36 -25.94
C VAL F 98 -26.44 7.90 -24.73
N ASP F 99 -25.32 8.58 -24.93
CA ASP F 99 -24.59 9.14 -23.81
C ASP F 99 -25.44 10.23 -23.16
N PRO F 100 -25.56 10.19 -21.83
CA PRO F 100 -26.41 11.11 -21.06
C PRO F 100 -26.07 12.59 -21.29
N GLU F 101 -24.80 12.87 -21.61
CA GLU F 101 -24.38 14.24 -21.91
C GLU F 101 -25.07 14.77 -23.17
N ASN F 102 -25.40 13.88 -24.09
CA ASN F 102 -26.10 14.29 -25.30
C ASN F 102 -27.52 14.77 -25.03
N PHE F 103 -28.13 14.31 -23.93
CA PHE F 103 -29.46 14.79 -23.58
C PHE F 103 -29.41 16.31 -23.34
N LYS F 104 -28.35 16.73 -22.67
CA LYS F 104 -28.13 18.15 -22.43
C LYS F 104 -27.90 18.90 -23.74
N LEU F 105 -27.11 18.32 -24.63
CA LEU F 105 -26.88 18.92 -25.94
C LEU F 105 -28.20 19.19 -26.66
N LEU F 106 -29.10 18.20 -26.67
CA LEU F 106 -30.37 18.39 -27.38
C LEU F 106 -31.17 19.52 -26.74
N GLY F 107 -31.21 19.55 -25.42
CA GLY F 107 -31.93 20.60 -24.73
C GLY F 107 -31.33 21.97 -25.00
N ASN F 108 -30.00 22.05 -25.04
CA ASN F 108 -29.35 23.32 -25.33
C ASN F 108 -29.64 23.79 -26.75
N VAL F 109 -29.75 22.86 -27.69
CA VAL F 109 -30.16 23.22 -29.04
C VAL F 109 -31.60 23.75 -29.04
N LEU F 110 -32.48 23.10 -28.29
CA LEU F 110 -33.85 23.58 -28.15
C LEU F 110 -33.88 25.01 -27.62
N VAL F 111 -33.06 25.29 -26.62
CA VAL F 111 -32.99 26.66 -26.09
C VAL F 111 -32.61 27.67 -27.18
N THR F 112 -31.65 27.32 -28.03
CA THR F 112 -31.25 28.24 -29.09
C THR F 112 -32.39 28.41 -30.11
N VAL F 113 -33.18 27.35 -30.32
CA VAL F 113 -34.31 27.43 -31.23
C VAL F 113 -35.41 28.32 -30.64
N LEU F 114 -35.59 28.25 -29.33
CA LEU F 114 -36.53 29.15 -28.67
C LEU F 114 -36.06 30.59 -28.78
N ALA F 115 -34.75 30.78 -28.68
CA ALA F 115 -34.16 32.11 -28.80
C ALA F 115 -34.44 32.69 -30.20
N ILE F 116 -34.24 31.87 -31.22
CA ILE F 116 -34.56 32.28 -32.59
C ILE F 116 -36.03 32.72 -32.71
N HIS F 117 -36.92 31.88 -32.21
CA HIS F 117 -38.35 32.14 -32.37
C HIS F 117 -38.90 33.34 -31.58
N PHE F 118 -38.36 33.55 -30.38
CA PHE F 118 -38.93 34.52 -29.47
C PHE F 118 -38.16 35.82 -29.34
N GLY F 119 -36.91 35.82 -29.81
CA GLY F 119 -36.13 37.04 -29.86
C GLY F 119 -35.92 37.62 -28.48
N LYS F 120 -36.10 38.94 -28.34
CA LYS F 120 -35.82 39.60 -27.07
C LYS F 120 -36.79 39.17 -25.95
N GLU F 121 -37.90 38.54 -26.32
CA GLU F 121 -38.81 37.98 -25.32
C GLU F 121 -38.19 36.78 -24.61
N PHE F 122 -37.18 36.16 -25.22
CA PHE F 122 -36.46 35.07 -24.59
C PHE F 122 -35.37 35.70 -23.73
N THR F 123 -35.81 36.34 -22.66
CA THR F 123 -34.93 37.13 -21.80
C THR F 123 -33.94 36.24 -21.06
N PRO F 124 -32.95 36.85 -20.39
CA PRO F 124 -32.07 35.99 -19.58
C PRO F 124 -32.82 35.26 -18.48
N GLU F 125 -33.85 35.89 -17.91
CA GLU F 125 -34.64 35.26 -16.86
C GLU F 125 -35.44 34.09 -17.43
N VAL F 126 -36.00 34.28 -18.62
CA VAL F 126 -36.74 33.21 -19.27
C VAL F 126 -35.81 32.06 -19.62
N GLN F 127 -34.61 32.39 -20.12
CA GLN F 127 -33.64 31.36 -20.45
C GLN F 127 -33.26 30.51 -19.24
N ALA F 128 -33.01 31.18 -18.11
CA ALA F 128 -32.63 30.48 -16.89
C ALA F 128 -33.66 29.41 -16.48
N SER F 129 -34.95 29.73 -16.61
CA SER F 129 -35.99 28.74 -16.32
C SER F 129 -35.89 27.57 -17.29
N TRP F 130 -35.67 27.88 -18.57
CA TRP F 130 -35.53 26.84 -19.57
C TRP F 130 -34.28 25.97 -19.40
N GLN F 131 -33.21 26.51 -18.83
CA GLN F 131 -32.01 25.69 -18.57
C GLN F 131 -32.29 24.69 -17.45
N LYS F 132 -33.13 25.09 -16.50
CA LYS F 132 -33.56 24.14 -15.48
C LYS F 132 -34.36 23.00 -16.12
N MET F 133 -35.18 23.34 -17.11
CA MET F 133 -35.91 22.34 -17.88
C MET F 133 -34.94 21.39 -18.60
N VAL F 134 -33.91 21.95 -19.23
CA VAL F 134 -32.89 21.14 -19.89
C VAL F 134 -32.24 20.17 -18.92
N THR F 135 -31.85 20.69 -17.77
CA THR F 135 -31.21 19.86 -16.75
C THR F 135 -32.14 18.78 -16.22
N GLY F 136 -33.39 19.15 -15.99
CA GLY F 136 -34.37 18.20 -15.48
C GLY F 136 -34.72 17.11 -16.47
N VAL F 137 -34.82 17.47 -17.76
CA VAL F 137 -35.07 16.46 -18.78
C VAL F 137 -33.89 15.50 -18.91
N ALA F 138 -32.68 16.05 -18.96
CA ALA F 138 -31.48 15.22 -19.08
C ALA F 138 -31.35 14.28 -17.89
N SER F 139 -31.64 14.80 -16.71
CA SER F 139 -31.58 13.99 -15.49
C SER F 139 -32.63 12.86 -15.53
N ALA F 140 -33.84 13.20 -15.96
CA ALA F 140 -34.91 12.21 -16.03
C ALA F 140 -34.62 11.13 -17.08
N LEU F 141 -34.00 11.52 -18.19
CA LEU F 141 -33.67 10.56 -19.23
C LEU F 141 -32.44 9.73 -18.87
N SER F 142 -31.61 10.25 -17.96
CA SER F 142 -30.39 9.56 -17.55
C SER F 142 -30.60 8.61 -16.39
N SER F 143 -31.83 8.58 -15.88
CA SER F 143 -32.16 7.81 -14.67
C SER F 143 -31.55 6.40 -14.65
N ARG F 144 -31.58 5.75 -15.81
CA ARG F 144 -31.00 4.43 -15.98
C ARG F 144 -29.51 4.51 -16.32
N TYR F 145 -28.68 4.82 -15.33
CA TYR F 145 -27.23 4.85 -15.51
C TYR F 145 -26.48 4.65 -14.20
N HIS F 146 -27.17 4.88 -13.09
CA HIS F 146 -26.61 4.59 -11.77
C HIS F 146 -27.50 3.62 -11.02
N VAL G 1 1.20 22.95 -21.55
CA VAL G 1 2.18 22.11 -22.22
C VAL G 1 2.81 21.16 -21.21
N LEU G 2 3.30 20.01 -21.67
CA LEU G 2 3.92 19.05 -20.76
C LEU G 2 5.28 19.56 -20.27
N SER G 3 5.51 19.47 -18.96
CA SER G 3 6.76 19.93 -18.37
C SER G 3 7.83 18.85 -18.55
N PRO G 4 9.11 19.18 -18.27
CA PRO G 4 10.14 18.14 -18.37
C PRO G 4 9.87 16.94 -17.46
N ALA G 5 9.40 17.18 -16.24
CA ALA G 5 9.06 16.07 -15.34
C ALA G 5 7.89 15.27 -15.89
N ASP G 6 6.92 15.96 -16.50
CA ASP G 6 5.76 15.29 -17.10
C ASP G 6 6.25 14.28 -18.14
N LYS G 7 7.17 14.74 -18.99
CA LYS G 7 7.72 13.89 -20.04
C LYS G 7 8.48 12.70 -19.46
N THR G 8 9.29 12.97 -18.44
CA THR G 8 10.01 11.91 -17.75
C THR G 8 9.05 10.89 -17.12
N ASN G 9 8.00 11.38 -16.46
CA ASN G 9 7.05 10.52 -15.77
C ASN G 9 6.31 9.62 -16.76
N VAL G 10 5.91 10.22 -17.88
CA VAL G 10 5.16 9.49 -18.90
C VAL G 10 6.01 8.42 -19.56
N LYS G 11 7.25 8.77 -19.92
CA LYS G 11 8.17 7.78 -20.49
C LYS G 11 8.48 6.66 -19.49
N ALA G 12 8.66 7.01 -18.22
CA ALA G 12 8.99 6.03 -17.20
C ALA G 12 7.83 5.07 -16.94
N ALA G 13 6.62 5.62 -16.88
CA ALA G 13 5.43 4.80 -16.66
C ALA G 13 5.17 3.85 -17.83
N TRP G 14 5.21 4.38 -19.05
CA TRP G 14 4.91 3.55 -20.21
C TRP G 14 5.98 2.49 -20.42
N GLY G 15 7.16 2.71 -19.86
CA GLY G 15 8.21 1.71 -19.85
C GLY G 15 7.96 0.62 -18.82
N LYS G 16 7.35 0.98 -17.70
CA LYS G 16 7.05 0.01 -16.64
C LYS G 16 5.97 -0.98 -17.08
N VAL G 17 5.27 -0.65 -18.16
CA VAL G 17 4.24 -1.52 -18.70
C VAL G 17 4.86 -2.80 -19.27
N GLY G 18 6.14 -2.73 -19.62
CA GLY G 18 6.84 -3.91 -20.09
C GLY G 18 6.26 -4.43 -21.39
N ALA G 19 6.03 -5.74 -21.46
CA ALA G 19 5.53 -6.39 -22.67
C ALA G 19 4.00 -6.34 -22.76
N HIS G 20 3.39 -5.57 -21.87
CA HIS G 20 1.94 -5.64 -21.69
C HIS G 20 1.16 -4.47 -22.27
N ALA G 21 1.80 -3.63 -23.09
CA ALA G 21 1.10 -2.45 -23.64
C ALA G 21 -0.18 -2.79 -24.40
N GLY G 22 -0.10 -3.70 -25.36
CA GLY G 22 -1.27 -4.10 -26.14
C GLY G 22 -2.36 -4.72 -25.29
N GLU G 23 -1.93 -5.52 -24.32
CA GLU G 23 -2.84 -6.14 -23.36
C GLU G 23 -3.59 -5.09 -22.53
N TYR G 24 -2.85 -4.09 -22.04
CA TYR G 24 -3.46 -3.04 -21.22
C TYR G 24 -4.37 -2.17 -22.07
N GLY G 25 -4.01 -1.98 -23.34
CA GLY G 25 -4.88 -1.28 -24.27
C GLY G 25 -6.23 -1.98 -24.40
N ALA G 26 -6.20 -3.30 -24.54
CA ALA G 26 -7.43 -4.06 -24.70
C ALA G 26 -8.24 -4.08 -23.40
N GLU G 27 -7.54 -4.07 -22.27
CA GLU G 27 -8.21 -4.02 -20.97
C GLU G 27 -8.90 -2.68 -20.76
N ALA G 28 -8.26 -1.61 -21.21
CA ALA G 28 -8.84 -0.28 -21.06
C ALA G 28 -10.11 -0.18 -21.89
N LEU G 29 -10.07 -0.70 -23.12
CA LEU G 29 -11.26 -0.74 -23.97
C LEU G 29 -12.36 -1.57 -23.32
N GLU G 30 -11.99 -2.74 -22.81
CA GLU G 30 -12.96 -3.61 -22.14
C GLU G 30 -13.62 -2.91 -20.95
N ARG G 31 -12.81 -2.23 -20.14
CA ARG G 31 -13.32 -1.43 -19.03
C ARG G 31 -14.27 -0.34 -19.52
N MET G 32 -13.88 0.33 -20.60
CA MET G 32 -14.69 1.43 -21.12
C MET G 32 -16.04 0.94 -21.62
N PHE G 33 -16.04 -0.20 -22.31
CA PHE G 33 -17.28 -0.74 -22.84
C PHE G 33 -18.24 -1.16 -21.74
N LEU G 34 -17.70 -1.71 -20.65
CA LEU G 34 -18.54 -2.15 -19.54
C LEU G 34 -19.07 -0.98 -18.71
N SER G 35 -18.20 -0.02 -18.40
CA SER G 35 -18.62 1.10 -17.55
C SER G 35 -19.39 2.17 -18.30
N PHE G 36 -19.08 2.33 -19.59
CA PHE G 36 -19.68 3.39 -20.39
C PHE G 36 -20.16 2.86 -21.74
N PRO G 37 -21.23 2.06 -21.72
CA PRO G 37 -21.71 1.36 -22.92
C PRO G 37 -22.02 2.26 -24.12
N THR G 38 -22.23 3.56 -23.92
CA THR G 38 -22.44 4.45 -25.06
C THR G 38 -21.29 4.35 -26.06
N THR G 39 -20.10 4.05 -25.56
CA THR G 39 -18.92 4.00 -26.41
C THR G 39 -18.95 2.82 -27.37
N LYS G 40 -19.75 1.79 -27.05
CA LYS G 40 -19.85 0.63 -27.92
C LYS G 40 -20.48 0.97 -29.27
N THR G 41 -21.28 2.04 -29.30
CA THR G 41 -21.98 2.44 -30.52
C THR G 41 -21.04 2.93 -31.61
N TYR G 42 -19.80 3.21 -31.24
CA TYR G 42 -18.80 3.60 -32.22
C TYR G 42 -18.19 2.39 -32.92
N PHE G 43 -18.48 1.19 -32.42
CA PHE G 43 -17.87 -0.02 -32.97
C PHE G 43 -18.89 -1.05 -33.48
N PRO G 44 -19.75 -0.65 -34.43
CA PRO G 44 -20.85 -1.54 -34.86
C PRO G 44 -20.36 -2.81 -35.57
N HIS G 45 -19.18 -2.76 -36.18
CA HIS G 45 -18.68 -3.90 -36.92
C HIS G 45 -17.67 -4.69 -36.10
N PHE G 46 -17.75 -4.51 -34.79
CA PHE G 46 -16.87 -5.21 -33.87
C PHE G 46 -17.64 -6.22 -33.03
N ASP G 47 -17.01 -7.38 -32.83
CA ASP G 47 -17.39 -8.29 -31.76
C ASP G 47 -16.79 -7.71 -30.47
N LEU G 48 -17.64 -7.20 -29.58
CA LEU G 48 -17.16 -6.56 -28.36
C LEU G 48 -17.34 -7.45 -27.13
N SER G 49 -17.52 -8.74 -27.36
CA SER G 49 -17.70 -9.70 -26.28
C SER G 49 -16.42 -9.81 -25.46
N HIS G 50 -16.55 -10.24 -24.21
CA HIS G 50 -15.41 -10.41 -23.32
C HIS G 50 -14.32 -11.31 -23.93
N GLY G 51 -13.12 -10.78 -24.03
CA GLY G 51 -12.00 -11.52 -24.58
C GLY G 51 -12.00 -11.64 -26.09
N SER G 52 -12.79 -10.81 -26.76
CA SER G 52 -12.85 -10.82 -28.23
C SER G 52 -11.50 -10.55 -28.91
N ALA G 53 -11.31 -11.19 -30.05
CA ALA G 53 -10.06 -11.04 -30.80
C ALA G 53 -9.97 -9.66 -31.40
N GLN G 54 -11.12 -9.12 -31.81
CA GLN G 54 -11.16 -7.78 -32.37
C GLN G 54 -10.75 -6.71 -31.37
N VAL G 55 -11.24 -6.83 -30.14
CA VAL G 55 -10.87 -5.90 -29.08
C VAL G 55 -9.40 -6.05 -28.72
N LYS G 56 -8.93 -7.29 -28.64
CA LYS G 56 -7.52 -7.56 -28.38
C LYS G 56 -6.64 -6.86 -29.42
N GLY G 57 -7.00 -7.05 -30.69
CA GLY G 57 -6.24 -6.49 -31.78
C GLY G 57 -6.34 -4.98 -31.79
N HIS G 58 -7.51 -4.49 -31.40
CA HIS G 58 -7.69 -3.05 -31.38
C HIS G 58 -6.90 -2.41 -30.24
N GLY G 59 -6.86 -3.08 -29.10
CA GLY G 59 -6.07 -2.63 -27.98
C GLY G 59 -4.60 -2.46 -28.34
N LYS G 60 -4.09 -3.35 -29.18
CA LYS G 60 -2.72 -3.25 -29.66
C LYS G 60 -2.52 -1.98 -30.49
N LYS G 61 -3.49 -1.66 -31.33
CA LYS G 61 -3.43 -0.45 -32.15
C LYS G 61 -3.42 0.82 -31.30
N VAL G 62 -4.26 0.85 -30.28
CA VAL G 62 -4.32 2.00 -29.38
C VAL G 62 -3.01 2.16 -28.63
N ALA G 63 -2.50 1.06 -28.10
CA ALA G 63 -1.23 1.07 -27.37
C ALA G 63 -0.08 1.53 -28.25
N ASP G 64 -0.05 1.08 -29.49
CA ASP G 64 1.01 1.46 -30.44
C ASP G 64 0.98 2.96 -30.73
N ALA G 65 -0.23 3.49 -30.85
CA ALA G 65 -0.40 4.92 -31.11
C ALA G 65 0.05 5.70 -29.88
N LEU G 66 -0.25 5.17 -28.70
CA LEU G 66 0.22 5.80 -27.45
C LEU G 66 1.74 5.75 -27.32
N THR G 67 2.32 4.60 -27.66
CA THR G 67 3.77 4.46 -27.65
C THR G 67 4.42 5.47 -28.60
N ASN G 68 3.81 5.64 -29.78
CA ASN G 68 4.27 6.63 -30.74
C ASN G 68 4.09 8.06 -30.22
N ALA G 69 3.00 8.31 -29.49
CA ALA G 69 2.77 9.63 -28.92
C ALA G 69 3.83 9.93 -27.87
N VAL G 70 4.16 8.92 -27.06
CA VAL G 70 5.18 9.06 -26.03
C VAL G 70 6.54 9.40 -26.64
N ALA G 71 6.86 8.73 -27.76
CA ALA G 71 8.12 8.96 -28.45
C ALA G 71 8.22 10.36 -29.04
N HIS G 72 7.10 10.89 -29.48
CA HIS G 72 7.07 12.21 -30.11
C HIS G 72 6.31 13.18 -29.24
N VAL G 73 6.59 13.10 -27.93
CA VAL G 73 5.87 13.88 -26.94
C VAL G 73 6.05 15.38 -27.15
N ASP G 74 7.10 15.76 -27.88
CA ASP G 74 7.38 17.16 -28.16
C ASP G 74 6.54 17.70 -29.32
N ASP G 75 6.15 16.84 -30.25
CA ASP G 75 5.32 17.28 -31.38
C ASP G 75 4.19 16.29 -31.69
N MET G 76 3.21 16.24 -30.79
CA MET G 76 2.06 15.35 -30.96
C MET G 76 1.08 15.70 -32.09
N PRO G 77 0.79 17.00 -32.32
CA PRO G 77 -0.17 17.30 -33.39
C PRO G 77 0.28 16.81 -34.76
N ASN G 78 1.59 16.85 -35.02
CA ASN G 78 2.11 16.32 -36.27
C ASN G 78 2.07 14.80 -36.28
N ALA G 79 2.59 14.20 -35.20
CA ALA G 79 2.65 12.75 -35.07
C ALA G 79 1.27 12.09 -35.14
N LEU G 80 0.25 12.81 -34.68
CA LEU G 80 -1.09 12.23 -34.59
C LEU G 80 -2.09 12.85 -35.57
N SER G 81 -1.59 13.61 -36.55
CA SER G 81 -2.45 14.32 -37.47
C SER G 81 -3.38 13.38 -38.24
N ALA G 82 -2.86 12.21 -38.59
CA ALA G 82 -3.64 11.21 -39.31
C ALA G 82 -4.78 10.68 -38.45
N LEU G 83 -4.44 10.28 -37.22
CA LEU G 83 -5.44 9.81 -36.27
C LEU G 83 -6.47 10.89 -36.01
N SER G 84 -6.06 12.15 -36.08
CA SER G 84 -6.96 13.26 -35.78
C SER G 84 -8.03 13.39 -36.86
N ASP G 85 -7.61 13.31 -38.11
CA ASP G 85 -8.56 13.34 -39.22
C ASP G 85 -9.50 12.13 -39.13
N LEU G 86 -8.95 10.96 -38.84
CA LEU G 86 -9.77 9.75 -38.70
C LEU G 86 -10.81 9.86 -37.59
N HIS G 87 -10.38 10.24 -36.39
CA HIS G 87 -11.33 10.30 -35.27
C HIS G 87 -12.31 11.47 -35.38
N ALA G 88 -11.82 12.64 -35.78
CA ALA G 88 -12.67 13.83 -35.84
C ALA G 88 -13.53 13.90 -37.12
N HIS G 89 -12.90 13.74 -38.28
CA HIS G 89 -13.61 13.96 -39.53
C HIS G 89 -14.30 12.71 -40.10
N LYS G 90 -13.64 11.58 -40.00
CA LYS G 90 -14.17 10.35 -40.58
C LYS G 90 -15.15 9.68 -39.60
N LEU G 91 -14.65 9.35 -38.41
CA LEU G 91 -15.46 8.64 -37.43
C LEU G 91 -16.39 9.58 -36.68
N ARG G 92 -15.96 10.83 -36.53
CA ARG G 92 -16.70 11.84 -35.77
C ARG G 92 -17.03 11.36 -34.37
N VAL G 93 -16.00 11.24 -33.53
CA VAL G 93 -16.18 10.78 -32.16
C VAL G 93 -16.49 11.97 -31.26
N ASP G 94 -17.47 11.80 -30.38
CA ASP G 94 -17.80 12.79 -29.35
C ASP G 94 -16.54 13.14 -28.57
N PRO G 95 -16.14 14.42 -28.61
CA PRO G 95 -14.93 14.84 -27.90
C PRO G 95 -14.96 14.53 -26.39
N VAL G 96 -16.16 14.45 -25.82
CA VAL G 96 -16.28 14.15 -24.39
C VAL G 96 -15.91 12.69 -24.06
N ASN G 97 -16.09 11.80 -25.04
CA ASN G 97 -15.83 10.39 -24.83
C ASN G 97 -14.35 10.03 -24.74
N PHE G 98 -13.50 10.96 -25.12
CA PHE G 98 -12.07 10.72 -25.00
C PHE G 98 -11.69 10.68 -23.53
N LYS G 99 -12.42 11.42 -22.72
CA LYS G 99 -12.21 11.43 -21.28
C LYS G 99 -12.51 10.05 -20.69
N LEU G 100 -13.46 9.35 -21.28
CA LEU G 100 -13.83 8.00 -20.82
C LEU G 100 -12.70 6.99 -21.05
N LEU G 101 -12.15 6.96 -22.27
CA LEU G 101 -11.06 6.03 -22.53
C LEU G 101 -9.83 6.41 -21.71
N SER G 102 -9.59 7.70 -21.60
CA SER G 102 -8.44 8.19 -20.83
C SER G 102 -8.54 7.70 -19.39
N HIS G 103 -9.72 7.86 -18.80
CA HIS G 103 -9.96 7.37 -17.45
C HIS G 103 -9.72 5.87 -17.33
N CYS G 104 -10.20 5.10 -18.31
CA CYS G 104 -10.06 3.65 -18.24
C CYS G 104 -8.61 3.22 -18.44
N LEU G 105 -7.86 3.99 -19.22
CA LEU G 105 -6.43 3.74 -19.33
C LEU G 105 -5.71 3.98 -17.98
N LEU G 106 -6.04 5.07 -17.31
CA LEU G 106 -5.45 5.36 -16.00
C LEU G 106 -5.80 4.28 -14.97
N VAL G 107 -7.06 3.84 -14.96
CA VAL G 107 -7.49 2.80 -14.04
C VAL G 107 -6.70 1.51 -14.29
N THR G 108 -6.52 1.17 -15.56
CA THR G 108 -5.76 -0.01 -15.96
C THR G 108 -4.31 0.08 -15.47
N LEU G 109 -3.68 1.22 -15.67
CA LEU G 109 -2.31 1.40 -15.21
C LEU G 109 -2.22 1.32 -13.68
N ALA G 110 -3.19 1.91 -12.99
CA ALA G 110 -3.21 1.90 -11.53
C ALA G 110 -3.37 0.48 -10.97
N ALA G 111 -4.22 -0.30 -11.64
CA ALA G 111 -4.48 -1.68 -11.24
C ALA G 111 -3.24 -2.55 -11.44
N HIS G 112 -2.40 -2.21 -12.41
CA HIS G 112 -1.24 -3.04 -12.73
C HIS G 112 0.09 -2.54 -12.15
N LEU G 113 0.22 -1.22 -12.00
CA LEU G 113 1.47 -0.64 -11.54
C LEU G 113 1.28 0.28 -10.34
N PRO G 114 0.78 -0.27 -9.21
CA PRO G 114 0.38 0.59 -8.09
C PRO G 114 1.53 1.46 -7.55
N ALA G 115 2.73 0.93 -7.51
CA ALA G 115 3.86 1.67 -6.96
C ALA G 115 4.36 2.75 -7.91
N GLU G 116 4.14 2.56 -9.21
CA GLU G 116 4.57 3.54 -10.20
C GLU G 116 3.57 4.67 -10.32
N PHE G 117 2.31 4.37 -10.02
CA PHE G 117 1.21 5.29 -10.21
C PHE G 117 1.13 6.29 -9.04
N THR G 118 2.21 7.05 -8.85
CA THR G 118 2.27 8.08 -7.81
C THR G 118 1.37 9.25 -8.20
N PRO G 119 1.04 10.13 -7.23
CA PRO G 119 0.19 11.27 -7.59
C PRO G 119 0.81 12.11 -8.70
N ALA G 120 2.12 12.32 -8.68
CA ALA G 120 2.79 13.10 -9.72
C ALA G 120 2.70 12.43 -11.09
N VAL G 121 2.87 11.12 -11.11
CA VAL G 121 2.82 10.37 -12.36
C VAL G 121 1.39 10.31 -12.90
N HIS G 122 0.45 10.12 -12.00
CA HIS G 122 -0.98 10.19 -12.30
C HIS G 122 -1.29 11.51 -13.01
N ALA G 123 -0.82 12.63 -12.43
CA ALA G 123 -1.10 13.93 -13.01
C ALA G 123 -0.45 14.06 -14.38
N SER G 124 0.78 13.56 -14.51
CA SER G 124 1.49 13.65 -15.78
C SER G 124 0.78 12.83 -16.86
N LEU G 125 0.39 11.60 -16.50
CA LEU G 125 -0.31 10.74 -17.44
C LEU G 125 -1.66 11.34 -17.86
N ASP G 126 -2.39 11.91 -16.91
CA ASP G 126 -3.67 12.53 -17.26
C ASP G 126 -3.46 13.70 -18.22
N LYS G 127 -2.43 14.50 -17.96
CA LYS G 127 -2.09 15.63 -18.81
C LYS G 127 -1.73 15.13 -20.21
N PHE G 128 -0.96 14.06 -20.25
CA PHE G 128 -0.55 13.47 -21.52
C PHE G 128 -1.76 12.97 -22.29
N LEU G 129 -2.65 12.27 -21.61
CA LEU G 129 -3.83 11.72 -22.27
C LEU G 129 -4.79 12.82 -22.72
N ALA G 130 -4.86 13.91 -21.94
CA ALA G 130 -5.71 15.05 -22.31
C ALA G 130 -5.16 15.73 -23.55
N SER G 131 -3.83 15.78 -23.66
CA SER G 131 -3.19 16.39 -24.83
C SER G 131 -3.44 15.53 -26.06
N VAL G 132 -3.30 14.22 -25.89
CA VAL G 132 -3.57 13.29 -26.97
C VAL G 132 -5.01 13.47 -27.44
N SER G 133 -5.93 13.50 -26.48
CA SER G 133 -7.34 13.68 -26.77
C SER G 133 -7.63 14.99 -27.51
N THR G 134 -7.03 16.08 -27.05
CA THR G 134 -7.23 17.39 -27.65
C THR G 134 -6.77 17.40 -29.10
N VAL G 135 -5.66 16.74 -29.36
CA VAL G 135 -5.13 16.60 -30.70
C VAL G 135 -6.09 15.80 -31.58
N LEU G 136 -6.64 14.71 -31.02
CA LEU G 136 -7.52 13.84 -31.79
C LEU G 136 -8.89 14.45 -32.08
N THR G 137 -9.32 15.39 -31.26
CA THR G 137 -10.62 16.04 -31.45
C THR G 137 -10.50 17.26 -32.36
N SER G 138 -9.27 17.70 -32.61
CA SER G 138 -8.99 18.73 -33.61
C SER G 138 -9.30 18.20 -35.02
N LYS G 139 -9.43 19.13 -35.97
CA LYS G 139 -9.70 18.82 -37.39
C LYS G 139 -11.13 18.35 -37.69
N TYR G 140 -12.09 19.26 -37.49
CA TYR G 140 -13.50 18.96 -37.69
C TYR G 140 -14.06 19.60 -38.97
N ARG G 141 -15.20 19.09 -39.44
CA ARG G 141 -15.87 19.65 -40.61
C ARG G 141 -16.81 20.79 -40.23
N VAL H 1 -32.02 5.73 -8.19
CA VAL H 1 -30.82 4.96 -8.51
C VAL H 1 -31.15 3.46 -8.55
N HIS H 2 -30.52 2.72 -9.47
CA HIS H 2 -30.88 1.32 -9.71
C HIS H 2 -29.71 0.35 -9.54
N PHE H 3 -29.09 0.35 -8.37
CA PHE H 3 -28.01 -0.60 -8.11
C PHE H 3 -28.52 -2.03 -8.16
N THR H 4 -27.81 -2.89 -8.88
CA THR H 4 -28.15 -4.31 -8.92
C THR H 4 -27.69 -5.01 -7.65
N GLU H 5 -28.18 -6.24 -7.45
CA GLU H 5 -27.74 -7.09 -6.35
C GLU H 5 -26.21 -7.26 -6.34
N GLU H 6 -25.66 -7.54 -7.51
CA GLU H 6 -24.23 -7.73 -7.64
C GLU H 6 -23.47 -6.43 -7.35
N ASP H 7 -23.99 -5.30 -7.85
CA ASP H 7 -23.40 -3.98 -7.58
C ASP H 7 -23.29 -3.73 -6.07
N LYS H 8 -24.39 -3.94 -5.37
CA LYS H 8 -24.43 -3.70 -3.93
C LYS H 8 -23.45 -4.59 -3.19
N ALA H 9 -23.38 -5.86 -3.59
CA ALA H 9 -22.50 -6.84 -2.97
C ALA H 9 -21.04 -6.46 -3.19
N THR H 10 -20.71 -6.06 -4.42
CA THR H 10 -19.35 -5.67 -4.76
C THR H 10 -18.93 -4.41 -4.03
N ILE H 11 -19.81 -3.41 -4.02
CA ILE H 11 -19.49 -2.12 -3.39
C ILE H 11 -19.31 -2.31 -1.88
N THR H 12 -20.23 -3.05 -1.27
CA THR H 12 -20.15 -3.30 0.17
C THR H 12 -18.90 -4.09 0.55
N SER H 13 -18.62 -5.14 -0.20
CA SER H 13 -17.48 -6.00 0.06
C SER H 13 -16.16 -5.25 -0.02
N LEU H 14 -15.94 -4.56 -1.12
CA LEU H 14 -14.69 -3.84 -1.32
C LEU H 14 -14.50 -2.72 -0.30
N TRP H 15 -15.57 -1.98 -0.01
CA TRP H 15 -15.46 -0.88 0.93
C TRP H 15 -15.05 -1.35 2.32
N GLY H 16 -15.46 -2.56 2.67
CA GLY H 16 -15.07 -3.13 3.94
C GLY H 16 -13.58 -3.34 4.09
N LYS H 17 -12.87 -3.39 2.96
CA LYS H 17 -11.43 -3.63 2.97
C LYS H 17 -10.62 -2.35 2.78
N VAL H 18 -11.32 -1.23 2.56
CA VAL H 18 -10.66 0.05 2.33
C VAL H 18 -10.22 0.71 3.63
N ASN H 19 -9.01 1.29 3.63
CA ASN H 19 -8.59 2.13 4.73
C ASN H 19 -9.08 3.54 4.45
N VAL H 20 -10.14 3.96 5.15
CA VAL H 20 -10.82 5.20 4.80
C VAL H 20 -9.91 6.43 4.91
N GLU H 21 -9.07 6.45 5.94
CA GLU H 21 -8.15 7.56 6.11
C GLU H 21 -7.11 7.66 4.99
N ASP H 22 -6.49 6.53 4.66
CA ASP H 22 -5.47 6.53 3.60
C ASP H 22 -6.08 6.87 2.26
N ALA H 23 -7.18 6.20 1.92
CA ALA H 23 -7.83 6.40 0.64
C ALA H 23 -8.38 7.82 0.50
N GLY H 24 -8.81 8.40 1.62
CA GLY H 24 -9.37 9.74 1.60
C GLY H 24 -8.35 10.79 1.25
N GLY H 25 -7.21 10.76 1.93
CA GLY H 25 -6.13 11.68 1.65
C GLY H 25 -5.61 11.48 0.25
N GLU H 26 -5.56 10.22 -0.17
CA GLU H 26 -5.13 9.89 -1.52
C GLU H 26 -6.10 10.49 -2.55
N THR H 27 -7.38 10.34 -2.29
CA THR H 27 -8.39 10.76 -3.27
C THR H 27 -8.44 12.28 -3.39
N LEU H 28 -8.59 12.97 -2.27
CA LEU H 28 -8.65 14.43 -2.30
C LEU H 28 -7.35 15.03 -2.83
N GLY H 29 -6.23 14.45 -2.39
CA GLY H 29 -4.92 14.91 -2.81
C GLY H 29 -4.75 14.80 -4.31
N ARG H 30 -5.11 13.65 -4.86
CA ARG H 30 -4.97 13.46 -6.30
C ARG H 30 -5.90 14.38 -7.06
N LEU H 31 -7.11 14.57 -6.53
CA LEU H 31 -8.02 15.53 -7.17
C LEU H 31 -7.36 16.89 -7.31
N LEU H 32 -6.75 17.36 -6.23
CA LEU H 32 -6.13 18.69 -6.19
C LEU H 32 -4.92 18.82 -7.12
N VAL H 33 -4.14 17.74 -7.22
CA VAL H 33 -2.97 17.71 -8.11
C VAL H 33 -3.37 17.67 -9.58
N VAL H 34 -4.33 16.80 -9.90
CA VAL H 34 -4.67 16.51 -11.28
C VAL H 34 -5.54 17.58 -11.91
N TYR H 35 -6.44 18.16 -11.10
CA TYR H 35 -7.39 19.17 -11.56
C TYR H 35 -7.23 20.45 -10.76
N PRO H 36 -6.24 21.27 -11.14
CA PRO H 36 -5.82 22.40 -10.29
C PRO H 36 -6.90 23.44 -10.00
N TRP H 37 -7.91 23.57 -10.86
CA TRP H 37 -8.95 24.57 -10.60
C TRP H 37 -9.73 24.23 -9.33
N THR H 38 -9.68 22.97 -8.90
CA THR H 38 -10.39 22.56 -7.68
C THR H 38 -9.77 23.19 -6.42
N GLN H 39 -8.55 23.68 -6.56
CA GLN H 39 -7.84 24.30 -5.44
C GLN H 39 -8.47 25.62 -5.04
N ARG H 40 -9.25 26.19 -5.95
CA ARG H 40 -9.97 27.44 -5.71
C ARG H 40 -10.87 27.35 -4.48
N PHE H 41 -11.35 26.13 -4.19
CA PHE H 41 -12.26 25.91 -3.07
C PHE H 41 -11.55 25.61 -1.75
N PHE H 42 -10.23 25.46 -1.82
CA PHE H 42 -9.45 25.09 -0.64
C PHE H 42 -8.29 26.06 -0.37
N ASP H 43 -8.54 27.35 -0.49
CA ASP H 43 -7.52 28.37 -0.28
C ASP H 43 -6.83 28.20 1.06
N SER H 44 -7.63 28.06 2.11
CA SER H 44 -7.14 28.06 3.48
C SER H 44 -6.31 26.83 3.87
N PHE H 45 -6.20 25.86 2.97
CA PHE H 45 -5.51 24.62 3.29
C PHE H 45 -4.00 24.76 3.23
N GLY H 46 -3.55 25.90 2.74
CA GLY H 46 -2.13 26.19 2.66
C GLY H 46 -1.53 25.91 1.29
N ASN H 47 -0.29 25.43 1.29
CA ASN H 47 0.46 25.21 0.06
C ASN H 47 -0.07 24.01 -0.71
N LEU H 48 -0.57 24.25 -1.92
CA LEU H 48 -1.06 23.17 -2.78
C LEU H 48 -0.40 23.23 -4.16
N SER H 49 0.86 23.63 -4.18
CA SER H 49 1.54 24.00 -5.43
C SER H 49 2.13 22.84 -6.23
N SER H 50 2.18 21.65 -5.63
CA SER H 50 2.75 20.50 -6.32
C SER H 50 2.27 19.24 -5.64
N ALA H 51 2.50 18.10 -6.29
CA ALA H 51 2.13 16.82 -5.70
C ALA H 51 2.75 16.64 -4.32
N SER H 52 4.02 17.02 -4.17
CA SER H 52 4.69 16.87 -2.89
C SER H 52 4.02 17.71 -1.80
N ALA H 53 3.75 18.97 -2.13
CA ALA H 53 3.17 19.89 -1.15
C ALA H 53 1.75 19.46 -0.78
N ILE H 54 1.00 19.02 -1.78
CA ILE H 54 -0.39 18.63 -1.57
C ILE H 54 -0.51 17.35 -0.76
N MET H 55 0.26 16.33 -1.13
CA MET H 55 0.13 15.01 -0.52
C MET H 55 0.62 14.97 0.92
N GLY H 56 1.44 15.95 1.32
CA GLY H 56 1.92 16.01 2.69
C GLY H 56 1.13 16.97 3.57
N ASN H 57 0.17 17.67 2.97
CA ASN H 57 -0.62 18.68 3.67
C ASN H 57 -1.63 18.01 4.61
N PRO H 58 -1.49 18.24 5.92
CA PRO H 58 -2.38 17.57 6.89
C PRO H 58 -3.85 17.99 6.75
N LYS H 59 -4.11 19.20 6.27
CA LYS H 59 -5.50 19.62 6.08
C LYS H 59 -6.16 18.87 4.93
N VAL H 60 -5.37 18.55 3.91
CA VAL H 60 -5.86 17.75 2.78
C VAL H 60 -6.14 16.32 3.24
N LYS H 61 -5.25 15.76 4.00
CA LYS H 61 -5.42 14.43 4.50
C LYS H 61 -6.68 14.31 5.36
N ALA H 62 -6.82 15.22 6.29
CA ALA H 62 -7.97 15.28 7.17
C ALA H 62 -9.26 15.44 6.44
N HIS H 63 -9.31 16.37 5.52
CA HIS H 63 -10.51 16.62 4.80
C HIS H 63 -10.89 15.39 3.96
N GLY H 64 -9.90 14.76 3.35
CA GLY H 64 -10.13 13.61 2.52
C GLY H 64 -10.77 12.48 3.31
N LYS H 65 -10.31 12.31 4.55
CA LYS H 65 -10.90 11.33 5.45
C LYS H 65 -12.38 11.63 5.70
N LYS H 66 -12.69 12.91 5.93
CA LYS H 66 -14.08 13.33 6.12
C LYS H 66 -14.96 13.00 4.90
N VAL H 67 -14.41 13.23 3.71
CA VAL H 67 -15.14 12.97 2.47
C VAL H 67 -15.49 11.49 2.34
N LEU H 68 -14.49 10.62 2.50
CA LEU H 68 -14.71 9.20 2.31
C LEU H 68 -15.53 8.57 3.43
N THR H 69 -15.43 9.14 4.62
CA THR H 69 -16.25 8.72 5.73
C THR H 69 -17.72 8.95 5.38
N SER H 70 -18.02 10.06 4.72
CA SER H 70 -19.41 10.35 4.32
C SER H 70 -19.85 9.47 3.16
N LEU H 71 -18.88 9.04 2.35
CA LEU H 71 -19.19 8.04 1.34
C LEU H 71 -19.55 6.74 2.03
N GLY H 72 -18.84 6.45 3.12
CA GLY H 72 -19.11 5.28 3.94
C GLY H 72 -20.52 5.28 4.49
N ASP H 73 -21.00 6.45 4.88
CA ASP H 73 -22.40 6.63 5.29
C ASP H 73 -23.32 6.14 4.19
N ALA H 74 -23.09 6.67 2.98
CA ALA H 74 -23.92 6.38 1.83
C ALA H 74 -23.98 4.90 1.50
N ILE H 75 -22.86 4.21 1.71
CA ILE H 75 -22.75 2.80 1.34
C ILE H 75 -23.62 1.90 2.24
N LYS H 76 -23.93 2.40 3.42
CA LYS H 76 -24.88 1.69 4.29
C LYS H 76 -26.32 1.89 3.83
N HIS H 77 -26.53 2.76 2.84
CA HIS H 77 -27.89 3.09 2.39
C HIS H 77 -27.98 3.27 0.88
N LEU H 78 -27.54 2.27 0.13
CA LEU H 78 -27.38 2.42 -1.31
C LEU H 78 -28.68 2.70 -2.04
N ASP H 79 -29.80 2.33 -1.43
CA ASP H 79 -31.11 2.55 -2.03
C ASP H 79 -31.60 3.98 -1.88
N ASP H 80 -30.89 4.78 -1.09
CA ASP H 80 -31.30 6.17 -0.88
C ASP H 80 -30.11 7.11 -0.81
N LEU H 81 -29.33 7.16 -1.88
CA LEU H 81 -28.21 8.08 -1.95
C LEU H 81 -28.69 9.52 -1.90
N LYS H 82 -29.82 9.80 -2.56
CA LYS H 82 -30.37 11.14 -2.61
C LYS H 82 -30.65 11.67 -1.20
N GLY H 83 -31.30 10.84 -0.39
CA GLY H 83 -31.59 11.21 0.98
C GLY H 83 -30.32 11.45 1.79
N THR H 84 -29.34 10.57 1.61
CA THR H 84 -28.10 10.65 2.37
C THR H 84 -27.34 11.93 2.11
N PHE H 85 -27.31 12.36 0.85
CA PHE H 85 -26.49 13.50 0.44
C PHE H 85 -27.25 14.83 0.31
N ALA H 86 -28.50 14.84 0.77
CA ALA H 86 -29.36 16.01 0.59
C ALA H 86 -28.77 17.26 1.24
N GLN H 87 -28.22 17.14 2.43
CA GLN H 87 -27.61 18.26 3.13
C GLN H 87 -26.30 18.69 2.49
N LEU H 88 -25.46 17.71 2.17
CA LEU H 88 -24.19 18.00 1.51
C LEU H 88 -24.42 18.63 0.15
N SER H 89 -25.54 18.29 -0.49
CA SER H 89 -25.91 18.93 -1.75
C SER H 89 -26.15 20.44 -1.57
N GLU H 90 -26.85 20.81 -0.51
CA GLU H 90 -27.08 22.22 -0.21
C GLU H 90 -25.78 22.95 0.10
N LEU H 91 -24.93 22.34 0.91
CA LEU H 91 -23.59 22.82 1.20
C LEU H 91 -22.79 23.13 -0.08
N HIS H 92 -22.64 22.13 -0.95
CA HIS H 92 -21.77 22.28 -2.11
C HIS H 92 -22.33 23.25 -3.17
N CYS H 93 -23.64 23.38 -3.23
CA CYS H 93 -24.25 24.32 -4.16
C CYS H 93 -24.37 25.74 -3.60
N ASP H 94 -25.22 25.90 -2.59
CA ASP H 94 -25.57 27.21 -2.06
C ASP H 94 -24.43 27.91 -1.32
N LYS H 95 -23.55 27.13 -0.69
CA LYS H 95 -22.46 27.69 0.08
C LYS H 95 -21.13 27.71 -0.67
N LEU H 96 -20.79 26.62 -1.34
CA LEU H 96 -19.48 26.48 -1.95
C LEU H 96 -19.46 26.80 -3.44
N HIS H 97 -20.61 26.68 -4.10
CA HIS H 97 -20.75 27.00 -5.52
C HIS H 97 -19.84 26.14 -6.40
N VAL H 98 -19.72 24.87 -6.05
CA VAL H 98 -18.92 23.92 -6.82
C VAL H 98 -19.73 23.42 -8.00
N ASP H 99 -19.14 23.41 -9.20
CA ASP H 99 -19.85 22.87 -10.36
C ASP H 99 -20.00 21.37 -10.21
N PRO H 100 -21.20 20.85 -10.48
CA PRO H 100 -21.50 19.42 -10.32
C PRO H 100 -20.57 18.51 -11.12
N GLU H 101 -19.98 19.02 -12.20
CA GLU H 101 -19.05 18.21 -12.99
C GLU H 101 -17.90 17.70 -12.13
N ASN H 102 -17.50 18.50 -11.14
CA ASN H 102 -16.41 18.10 -10.27
C ASN H 102 -16.71 16.93 -9.32
N PHE H 103 -17.99 16.68 -9.07
CA PHE H 103 -18.37 15.49 -8.30
C PHE H 103 -17.97 14.22 -9.03
N LYS H 104 -18.17 14.19 -10.36
CA LYS H 104 -17.76 13.04 -11.16
C LYS H 104 -16.25 12.89 -11.16
N LEU H 105 -15.53 14.01 -11.26
CA LEU H 105 -14.08 13.98 -11.22
C LEU H 105 -13.55 13.37 -9.91
N LEU H 106 -14.10 13.78 -8.78
CA LEU H 106 -13.66 13.20 -7.51
C LEU H 106 -13.97 11.71 -7.47
N GLY H 107 -15.17 11.34 -7.89
CA GLY H 107 -15.56 9.94 -7.97
C GLY H 107 -14.59 9.13 -8.81
N ASN H 108 -14.25 9.63 -9.99
CA ASN H 108 -13.30 8.95 -10.88
C ASN H 108 -11.92 8.81 -10.25
N VAL H 109 -11.50 9.83 -9.52
CA VAL H 109 -10.23 9.74 -8.80
C VAL H 109 -10.29 8.64 -7.74
N LEU H 110 -11.40 8.58 -7.02
CA LEU H 110 -11.59 7.51 -6.04
C LEU H 110 -11.47 6.13 -6.71
N VAL H 111 -12.08 5.99 -7.88
CA VAL H 111 -11.95 4.74 -8.62
C VAL H 111 -10.48 4.37 -8.90
N THR H 112 -9.66 5.35 -9.28
CA THR H 112 -8.25 5.06 -9.55
C THR H 112 -7.53 4.64 -8.26
N VAL H 113 -7.89 5.29 -7.15
CA VAL H 113 -7.35 4.94 -5.84
C VAL H 113 -7.76 3.52 -5.42
N LEU H 114 -9.02 3.15 -5.64
CA LEU H 114 -9.43 1.77 -5.39
C LEU H 114 -8.63 0.78 -6.25
N ALA H 115 -8.39 1.15 -7.51
CA ALA H 115 -7.59 0.31 -8.41
C ALA H 115 -6.16 0.10 -7.91
N ILE H 116 -5.54 1.16 -7.42
CA ILE H 116 -4.21 1.03 -6.84
C ILE H 116 -4.26 0.02 -5.69
N HIS H 117 -5.27 0.17 -4.86
CA HIS H 117 -5.36 -0.64 -3.65
C HIS H 117 -5.66 -2.11 -3.91
N PHE H 118 -6.52 -2.40 -4.87
CA PHE H 118 -7.04 -3.75 -5.08
C PHE H 118 -6.40 -4.51 -6.24
N GLY H 119 -5.68 -3.80 -7.11
CA GLY H 119 -4.98 -4.43 -8.22
C GLY H 119 -5.87 -5.24 -9.15
N LYS H 120 -5.45 -6.48 -9.43
CA LYS H 120 -6.19 -7.33 -10.37
C LYS H 120 -7.58 -7.72 -9.84
N GLU H 121 -7.79 -7.57 -8.55
CA GLU H 121 -9.11 -7.77 -7.97
C GLU H 121 -10.08 -6.68 -8.42
N PHE H 122 -9.55 -5.54 -8.85
CA PHE H 122 -10.39 -4.46 -9.38
C PHE H 122 -10.67 -4.70 -10.87
N THR H 123 -11.48 -5.73 -11.13
CA THR H 123 -11.76 -6.18 -12.49
C THR H 123 -12.60 -5.15 -13.25
N PRO H 124 -12.72 -5.30 -14.58
CA PRO H 124 -13.62 -4.39 -15.31
C PRO H 124 -15.05 -4.45 -14.77
N GLU H 125 -15.47 -5.64 -14.34
CA GLU H 125 -16.82 -5.78 -13.80
C GLU H 125 -16.97 -5.06 -12.47
N VAL H 126 -15.98 -5.22 -11.61
CA VAL H 126 -15.94 -4.54 -10.32
C VAL H 126 -15.90 -3.02 -10.52
N GLN H 127 -15.07 -2.57 -11.46
CA GLN H 127 -15.03 -1.15 -11.80
C GLN H 127 -16.40 -0.64 -12.24
N ALA H 128 -17.10 -1.42 -13.07
CA ALA H 128 -18.41 -0.98 -13.56
C ALA H 128 -19.37 -0.71 -12.41
N SER H 129 -19.34 -1.57 -11.39
CA SER H 129 -20.17 -1.33 -10.20
C SER H 129 -19.82 -0.02 -9.52
N TRP H 130 -18.52 0.24 -9.38
CA TRP H 130 -18.07 1.47 -8.75
C TRP H 130 -18.34 2.71 -9.58
N GLN H 131 -18.37 2.57 -10.89
CA GLN H 131 -18.71 3.72 -11.71
C GLN H 131 -20.17 4.10 -11.51
N LYS H 132 -21.02 3.11 -11.29
CA LYS H 132 -22.42 3.39 -10.99
C LYS H 132 -22.56 4.15 -9.68
N MET H 133 -21.73 3.79 -8.71
CA MET H 133 -21.69 4.51 -7.45
C MET H 133 -21.25 5.96 -7.67
N VAL H 134 -20.24 6.16 -8.51
CA VAL H 134 -19.74 7.51 -8.80
C VAL H 134 -20.85 8.37 -9.39
N THR H 135 -21.58 7.78 -10.32
CA THR H 135 -22.64 8.48 -11.01
C THR H 135 -23.80 8.80 -10.08
N GLY H 136 -24.17 7.82 -9.25
CA GLY H 136 -25.24 7.99 -8.28
C GLY H 136 -24.92 9.04 -7.23
N VAL H 137 -23.68 9.02 -6.73
CA VAL H 137 -23.25 10.03 -5.78
C VAL H 137 -23.26 11.44 -6.39
N ALA H 138 -22.72 11.57 -7.60
CA ALA H 138 -22.69 12.85 -8.26
C ALA H 138 -24.11 13.36 -8.50
N SER H 139 -24.99 12.46 -8.88
CA SER H 139 -26.40 12.80 -9.08
C SER H 139 -27.03 13.29 -7.79
N ALA H 140 -26.73 12.59 -6.70
CA ALA H 140 -27.30 12.93 -5.40
C ALA H 140 -26.79 14.28 -4.92
N LEU H 141 -25.51 14.55 -5.14
CA LEU H 141 -24.93 15.84 -4.74
C LEU H 141 -25.40 16.98 -5.64
N SER H 142 -25.78 16.65 -6.87
CA SER H 142 -26.30 17.64 -7.82
C SER H 142 -27.75 18.01 -7.58
N SER H 143 -28.43 17.25 -6.71
CA SER H 143 -29.88 17.37 -6.55
C SER H 143 -30.35 18.79 -6.31
N ARG H 144 -29.70 19.49 -5.38
CA ARG H 144 -30.10 20.84 -4.99
C ARG H 144 -29.56 21.93 -5.92
N TYR H 145 -29.14 21.55 -7.13
CA TYR H 145 -28.60 22.53 -8.07
C TYR H 145 -29.61 23.01 -9.09
N HIS H 146 -29.07 23.50 -10.22
CA HIS H 146 -29.81 24.00 -11.36
C HIS H 146 -30.80 25.13 -11.06
#